data_3E6I
#
_entry.id   3E6I
#
_cell.length_a   71.083
_cell.length_b   71.083
_cell.length_c   225.170
_cell.angle_alpha   90.00
_cell.angle_beta   90.00
_cell.angle_gamma   90.00
#
_symmetry.space_group_name_H-M   'P 43'
#
loop_
_entity.id
_entity.type
_entity.pdbx_description
1 polymer 'Cytochrome P450 2E1'
2 non-polymer 'PROTOPORPHYRIN IX CONTAINING FE'
3 non-polymer 1H-indazole
4 water water
#
_entity_poly.entity_id   1
_entity_poly.type   'polypeptide(L)'
_entity_poly.pdbx_seq_one_letter_code
;MAKKTSSKGKLPPGPFPLPIIGNLFQLELKNIPKSFTRLAQRFGPVFTLYVGSQRMVVMHGYKAVKEALLDYKDEFSGRG
DLPAFHAHRDRGIIFNNGPTWKDIRRFSLTTLRNYGMGKQGNESRIQREAHFLLEALRKTQGQPFDPTFLIGCAPCNVIA
DILFRKHFDYNDEKFLRLMYLFNENFHLLSTPWLQLYNNFPSFLHYLPGSHRKVIKNVAEVKEYVSERVKEHHQSLDPNC
PRDLTDCLLVEMEKEKHSAERLYTMDGITVTVADLFFAGTETTSTTLRYGLLILMKYPEIEEKLHEEIDRVIGPSRIPAI
KDRQEMPYMDAVVHEIQRFITLVPSNLPHEATRDTIFRGYLIPKGTVVVPTLDSVLYDNQEFPDPEKFKPEHFLNENGKF
KYSDYFKPFSTGKRVCAGEGLARMELFLLLCAILQHFNLKPLVDPKDIDLSPIHIGFGCIPPRYKLCVIPRSHHHH
;
_entity_poly.pdbx_strand_id   A,B
#
# COMPACT_ATOMS: atom_id res chain seq x y z
N LYS A 10 -45.18 28.05 6.74
CA LYS A 10 -45.85 27.07 7.60
C LYS A 10 -44.83 26.19 8.31
N LEU A 11 -44.41 26.61 9.50
CA LEU A 11 -43.43 25.86 10.30
C LEU A 11 -43.96 24.50 10.76
N PRO A 12 -43.05 23.52 10.94
CA PRO A 12 -43.49 22.27 11.58
C PRO A 12 -44.21 22.53 12.91
N PRO A 13 -45.13 21.63 13.31
CA PRO A 13 -45.89 21.84 14.55
C PRO A 13 -44.99 21.80 15.79
N GLY A 14 -45.44 22.39 16.89
CA GLY A 14 -44.63 22.48 18.11
C GLY A 14 -45.32 23.18 19.26
N PRO A 15 -44.70 23.16 20.47
CA PRO A 15 -45.27 23.78 21.66
C PRO A 15 -45.22 25.31 21.61
N PHE A 16 -46.22 25.95 22.21
CA PHE A 16 -46.36 27.39 22.12
C PHE A 16 -45.21 28.05 22.94
N PRO A 17 -44.36 28.85 22.26
CA PRO A 17 -43.19 29.41 22.96
C PRO A 17 -43.56 30.58 23.87
N LEU A 18 -42.72 30.81 24.88
CA LEU A 18 -42.90 31.94 25.79
C LEU A 18 -41.91 33.03 25.41
N PRO A 19 -42.21 34.29 25.77
CA PRO A 19 -41.26 35.40 25.60
C PRO A 19 -39.87 35.16 26.23
N ILE A 20 -38.82 35.54 25.49
CA ILE A 20 -37.41 35.44 25.90
C ILE A 20 -36.82 34.02 25.97
N ILE A 21 -37.50 33.16 26.71
CA ILE A 21 -37.08 31.79 26.96
C ILE A 21 -37.64 30.78 25.96
N GLY A 22 -38.55 31.23 25.08
CA GLY A 22 -39.21 30.32 24.15
C GLY A 22 -39.75 29.08 24.85
N ASN A 23 -39.28 27.93 24.40
CA ASN A 23 -39.75 26.60 24.86
C ASN A 23 -38.99 25.92 26.03
N LEU A 24 -38.31 26.71 26.87
CA LEU A 24 -37.40 26.16 27.89
C LEU A 24 -38.07 25.28 28.96
N PHE A 25 -39.37 25.47 29.19
CA PHE A 25 -40.16 24.59 30.05
C PHE A 25 -40.44 23.22 29.42
N GLN A 26 -40.32 23.13 28.09
CA GLN A 26 -40.50 21.86 27.37
C GLN A 26 -39.21 21.03 27.42
N LEU A 27 -38.16 21.60 27.99
CA LEU A 27 -36.85 20.95 27.94
C LEU A 27 -36.26 20.64 29.32
N GLU A 28 -35.83 19.39 29.49
CA GLU A 28 -35.04 19.00 30.66
C GLU A 28 -33.56 19.13 30.27
N LEU A 29 -32.86 20.08 30.88
CA LEU A 29 -31.48 20.41 30.48
C LEU A 29 -30.46 19.33 30.80
N LYS A 30 -30.73 18.52 31.83
CA LYS A 30 -29.95 17.32 32.13
C LYS A 30 -30.16 16.19 31.11
N ASN A 31 -31.24 16.26 30.30
CA ASN A 31 -31.56 15.21 29.32
C ASN A 31 -32.37 15.71 28.12
N ILE A 32 -31.70 16.49 27.27
CA ILE A 32 -32.33 17.03 26.07
C ILE A 32 -32.81 15.89 25.15
N PRO A 33 -31.95 14.88 24.87
CA PRO A 33 -32.50 13.80 24.03
C PRO A 33 -33.85 13.23 24.50
N LYS A 34 -34.06 13.14 25.81
CA LYS A 34 -35.31 12.62 26.36
C LYS A 34 -36.50 13.57 26.15
N SER A 35 -36.23 14.87 26.27
CA SER A 35 -37.21 15.91 26.00
C SER A 35 -37.66 15.88 24.53
N PHE A 36 -36.69 15.77 23.62
CA PHE A 36 -36.91 15.54 22.17
C PHE A 36 -37.82 14.36 21.84
N THR A 37 -37.50 13.20 22.41
CA THR A 37 -38.33 12.02 22.30
C THR A 37 -39.75 12.26 22.84
N ARG A 38 -39.85 12.94 23.97
CA ARG A 38 -41.14 13.31 24.60
C ARG A 38 -41.97 14.20 23.67
N LEU A 39 -41.28 15.16 23.03
CA LEU A 39 -41.91 16.08 22.08
C LEU A 39 -42.32 15.42 20.77
N ALA A 40 -41.52 14.47 20.28
CA ALA A 40 -41.91 13.67 19.10
C ALA A 40 -43.18 12.81 19.29
N GLN A 41 -43.42 12.31 20.51
CA GLN A 41 -44.65 11.59 20.83
CA GLN A 41 -44.64 11.60 20.85
C GLN A 41 -45.87 12.51 20.71
N ARG A 42 -45.69 13.77 21.08
CA ARG A 42 -46.74 14.78 21.15
C ARG A 42 -47.07 15.43 19.80
N PHE A 43 -46.04 15.61 18.96
CA PHE A 43 -46.13 16.45 17.76
C PHE A 43 -45.64 15.76 16.48
N GLY A 44 -45.22 14.49 16.60
CA GLY A 44 -44.73 13.72 15.45
C GLY A 44 -43.25 13.88 15.17
N PRO A 45 -42.77 13.33 14.01
CA PRO A 45 -41.35 13.16 13.63
C PRO A 45 -40.53 14.42 13.28
N VAL A 46 -41.23 15.53 13.03
CA VAL A 46 -40.63 16.81 12.66
C VAL A 46 -41.35 17.87 13.46
N PHE A 47 -40.62 18.62 14.27
CA PHE A 47 -41.24 19.63 15.12
C PHE A 47 -40.40 20.89 15.30
N THR A 48 -41.06 21.98 15.66
CA THR A 48 -40.38 23.25 15.91
C THR A 48 -40.27 23.55 17.41
N LEU A 49 -39.11 24.11 17.78
CA LEU A 49 -38.76 24.53 19.15
C LEU A 49 -38.10 25.90 19.12
N TYR A 50 -38.34 26.71 20.15
CA TYR A 50 -37.59 27.96 20.31
C TYR A 50 -36.79 27.87 21.59
N VAL A 51 -35.48 27.73 21.45
CA VAL A 51 -34.65 27.61 22.61
C VAL A 51 -33.90 28.94 22.73
N GLY A 52 -34.39 29.75 23.67
CA GLY A 52 -34.13 31.17 23.67
C GLY A 52 -34.89 31.78 22.53
N SER A 53 -34.22 32.66 21.81
CA SER A 53 -34.83 33.31 20.67
C SER A 53 -34.63 32.48 19.40
N GLN A 54 -33.64 31.58 19.45
CA GLN A 54 -33.27 30.78 18.28
C GLN A 54 -34.22 29.63 17.98
N ARG A 55 -34.58 29.54 16.72
CA ARG A 55 -35.52 28.57 16.22
C ARG A 55 -34.74 27.34 15.78
N MET A 56 -35.24 26.17 16.20
CA MET A 56 -34.73 24.91 15.69
C MET A 56 -35.88 24.02 15.25
N VAL A 57 -35.58 23.20 14.25
CA VAL A 57 -36.44 22.09 13.88
C VAL A 57 -35.73 20.74 14.20
N VAL A 58 -36.43 19.88 14.89
CA VAL A 58 -35.92 18.58 15.28
C VAL A 58 -36.55 17.52 14.40
N MET A 59 -35.71 16.65 13.80
CA MET A 59 -36.17 15.42 13.17
C MET A 59 -35.90 14.24 14.11
N HIS A 60 -36.90 13.38 14.28
CA HIS A 60 -36.88 12.26 15.21
C HIS A 60 -37.34 10.99 14.50
N GLY A 61 -36.52 9.95 14.54
CA GLY A 61 -36.81 8.69 13.84
C GLY A 61 -36.08 8.56 12.50
N TYR A 62 -35.75 7.33 12.13
CA TYR A 62 -35.01 7.00 10.91
C TYR A 62 -35.51 7.67 9.61
N LYS A 63 -36.81 7.60 9.34
CA LYS A 63 -37.36 8.19 8.13
C LYS A 63 -37.12 9.71 8.03
N ALA A 64 -37.59 10.45 9.05
CA ALA A 64 -37.35 11.88 9.14
C ALA A 64 -35.85 12.28 9.18
N VAL A 65 -35.07 11.61 10.03
CA VAL A 65 -33.63 11.89 10.12
C VAL A 65 -32.92 11.54 8.78
N LYS A 66 -33.32 10.43 8.17
CA LYS A 66 -32.76 10.02 6.88
C LYS A 66 -33.06 11.01 5.74
N GLU A 67 -34.31 11.45 5.59
CA GLU A 67 -34.70 12.46 4.60
C GLU A 67 -33.87 13.73 4.77
N ALA A 68 -33.87 14.25 6.00
CA ALA A 68 -33.15 15.51 6.34
C ALA A 68 -31.66 15.48 5.96
N LEU A 69 -31.02 14.36 6.26
CA LEU A 69 -29.59 14.21 6.06
C LEU A 69 -29.20 13.73 4.65
N LEU A 70 -30.11 13.05 3.96
CA LEU A 70 -29.78 12.46 2.67
C LEU A 70 -30.55 12.99 1.46
N ASP A 71 -31.79 13.43 1.67
CA ASP A 71 -32.62 13.95 0.58
C ASP A 71 -32.46 15.47 0.43
N TYR A 72 -32.26 16.15 1.55
CA TYR A 72 -31.99 17.59 1.56
C TYR A 72 -30.54 17.87 1.95
N LYS A 73 -29.59 17.15 1.32
CA LYS A 73 -28.18 17.24 1.73
C LYS A 73 -27.57 18.64 1.71
N ASP A 74 -27.82 19.40 0.64
CA ASP A 74 -27.28 20.76 0.52
C ASP A 74 -28.08 21.79 1.29
N GLU A 75 -29.35 21.48 1.52
CA GLU A 75 -30.24 22.38 2.25
C GLU A 75 -29.91 22.48 3.74
N PHE A 76 -29.48 21.36 4.33
CA PHE A 76 -29.17 21.31 5.76
C PHE A 76 -27.69 21.08 6.04
N SER A 77 -26.85 21.55 5.15
CA SER A 77 -25.44 21.21 5.24
C SER A 77 -24.68 22.26 6.00
N GLY A 78 -25.40 23.22 6.52
CA GLY A 78 -24.92 24.10 7.55
C GLY A 78 -24.71 23.48 8.91
N ARG A 79 -24.04 24.25 9.76
CA ARG A 79 -23.62 23.88 11.09
C ARG A 79 -24.06 24.97 12.03
N GLY A 80 -24.85 24.56 13.02
CA GLY A 80 -25.35 25.44 14.05
C GLY A 80 -24.24 25.93 14.96
N ASP A 81 -24.41 27.15 15.44
CA ASP A 81 -23.48 27.81 16.31
C ASP A 81 -23.39 27.12 17.64
N LEU A 82 -22.18 27.06 18.15
CA LEU A 82 -21.86 26.54 19.46
C LEU A 82 -20.90 27.49 20.12
N PRO A 83 -21.46 28.40 20.88
CA PRO A 83 -20.79 29.52 21.54
C PRO A 83 -19.51 29.17 22.32
N ALA A 84 -19.50 28.02 22.99
CA ALA A 84 -18.35 27.57 23.77
C ALA A 84 -17.12 27.43 22.89
N PHE A 85 -17.35 27.07 21.64
CA PHE A 85 -16.32 26.92 20.65
C PHE A 85 -16.32 28.10 19.67
N HIS A 86 -16.58 29.30 20.18
CA HIS A 86 -16.52 30.47 19.27
C HIS A 86 -15.10 30.69 18.68
N ALA A 87 -14.07 30.32 19.45
CA ALA A 87 -12.68 30.31 18.98
C ALA A 87 -12.42 29.51 17.69
N HIS A 88 -13.36 28.59 17.36
CA HIS A 88 -13.29 27.75 16.14
C HIS A 88 -14.31 28.14 15.08
N ARG A 89 -15.32 28.92 15.50
CA ARG A 89 -16.46 29.24 14.65
C ARG A 89 -16.03 29.77 13.28
N ASP A 90 -16.43 29.05 12.24
CA ASP A 90 -16.27 29.46 10.85
C ASP A 90 -14.86 29.25 10.28
N ARG A 91 -14.08 28.55 11.07
CA ARG A 91 -12.77 28.05 10.66
C ARG A 91 -12.74 26.53 10.74
N GLY A 92 -11.85 25.91 9.99
CA GLY A 92 -11.68 24.46 10.03
C GLY A 92 -12.83 23.65 9.47
N ILE A 93 -13.28 22.64 10.20
CA ILE A 93 -14.39 21.82 9.70
C ILE A 93 -15.59 21.60 10.64
N ILE A 94 -15.33 21.29 11.91
CA ILE A 94 -16.38 20.97 12.87
C ILE A 94 -17.36 22.14 13.10
N PHE A 95 -16.82 23.33 13.36
CA PHE A 95 -17.65 24.46 13.78
C PHE A 95 -17.82 25.55 12.74
N ASN A 96 -17.64 25.25 11.47
CA ASN A 96 -17.85 26.32 10.49
C ASN A 96 -18.95 26.21 9.44
N ASN A 97 -19.71 27.29 9.42
CA ASN A 97 -20.92 27.53 8.68
C ASN A 97 -20.62 28.56 7.60
N GLY A 98 -19.39 28.58 7.11
CA GLY A 98 -18.95 29.55 6.12
C GLY A 98 -18.38 28.97 4.85
N PRO A 99 -18.00 29.83 3.92
CA PRO A 99 -17.66 29.44 2.56
C PRO A 99 -16.44 28.59 2.49
N THR A 100 -15.74 28.62 3.58
CA THR A 100 -14.49 27.95 3.71
C THR A 100 -14.65 26.47 4.11
N TRP A 101 -15.84 26.07 4.50
CA TRP A 101 -16.03 24.74 5.01
C TRP A 101 -15.75 23.67 3.96
N LYS A 102 -16.35 23.83 2.80
CA LYS A 102 -16.39 22.78 1.76
C LYS A 102 -15.04 22.24 1.28
N ASP A 103 -14.09 23.12 0.96
CA ASP A 103 -12.82 22.69 0.38
C ASP A 103 -11.81 22.34 1.45
N ILE A 104 -11.94 22.94 2.64
CA ILE A 104 -11.13 22.51 3.79
C ILE A 104 -11.52 21.08 4.18
N ARG A 105 -12.83 20.82 4.28
CA ARG A 105 -13.29 19.46 4.54
C ARG A 105 -12.77 18.52 3.46
N ARG A 106 -13.06 18.82 2.19
CA ARG A 106 -12.67 17.93 1.08
C ARG A 106 -11.17 17.60 1.06
N PHE A 107 -10.35 18.63 1.30
CA PHE A 107 -8.90 18.46 1.29
C PHE A 107 -8.41 17.58 2.45
N SER A 108 -8.93 17.86 3.65
CA SER A 108 -8.63 17.08 4.86
C SER A 108 -8.97 15.60 4.68
N LEU A 109 -10.08 15.31 4.01
CA LEU A 109 -10.53 13.93 3.81
C LEU A 109 -9.64 13.17 2.86
N THR A 110 -9.24 13.83 1.78
CA THR A 110 -8.30 13.27 0.82
C THR A 110 -6.97 12.98 1.51
N THR A 111 -6.49 13.92 2.34
CA THR A 111 -5.25 13.75 3.08
C THR A 111 -5.37 12.63 4.12
N LEU A 112 -6.47 12.63 4.87
CA LEU A 112 -6.74 11.53 5.81
C LEU A 112 -6.68 10.18 5.10
N ARG A 113 -7.41 10.07 3.98
CA ARG A 113 -7.42 8.85 3.20
C ARG A 113 -6.03 8.53 2.63
N ASN A 114 -5.32 9.52 2.09
CA ASN A 114 -3.95 9.28 1.58
C ASN A 114 -3.00 8.74 2.66
N TYR A 115 -3.27 9.12 3.92
CA TYR A 115 -2.51 8.65 5.09
C TYR A 115 -2.93 7.27 5.61
N GLY A 116 -3.99 6.70 5.05
CA GLY A 116 -4.42 5.35 5.39
C GLY A 116 -5.59 4.91 4.53
N GLY A 118 -7.63 1.92 3.68
CA GLY A 118 -7.33 0.96 2.63
C GLY A 118 -5.83 0.82 2.45
N LYS A 119 -5.12 1.94 2.55
CA LYS A 119 -3.65 2.03 2.32
C LYS A 119 -2.81 1.08 3.19
N GLN A 120 -3.36 0.65 4.32
CA GLN A 120 -2.66 -0.19 5.33
C GLN A 120 -1.65 0.62 6.18
N GLY A 121 -1.50 1.91 5.88
CA GLY A 121 -0.83 2.86 6.76
C GLY A 121 -1.63 3.12 8.04
N ASN A 122 -2.96 2.99 7.95
CA ASN A 122 -3.84 3.19 9.10
C ASN A 122 -3.84 1.97 10.04
N GLU A 123 -4.02 0.79 9.47
CA GLU A 123 -3.98 -0.47 10.20
C GLU A 123 -2.64 -0.63 10.93
N SER A 124 -1.56 -0.51 10.17
CA SER A 124 -0.19 -0.61 10.68
C SER A 124 0.00 0.37 11.84
N ARG A 125 -0.45 1.61 11.63
CA ARG A 125 -0.40 2.70 12.61
C ARG A 125 -1.13 2.34 13.90
N ILE A 126 -2.31 1.73 13.75
CA ILE A 126 -3.13 1.29 14.88
C ILE A 126 -2.46 0.11 15.56
N GLN A 127 -2.03 -0.86 14.75
CA GLN A 127 -1.31 -2.06 15.21
C GLN A 127 -0.06 -1.73 16.03
N ARG A 128 0.67 -0.69 15.63
CA ARG A 128 1.87 -0.32 16.37
C ARG A 128 1.60 0.46 17.66
N GLU A 129 0.47 1.17 17.71
CA GLU A 129 0.02 1.78 18.95
C GLU A 129 -0.47 0.71 19.92
N ALA A 130 -1.14 -0.32 19.40
CA ALA A 130 -1.50 -1.47 20.24
C ALA A 130 -0.29 -2.03 21.00
N HIS A 131 0.91 -1.92 20.42
CA HIS A 131 2.14 -2.30 21.14
C HIS A 131 2.28 -1.49 22.44
N PHE A 132 2.16 -0.16 22.33
CA PHE A 132 2.29 0.72 23.48
C PHE A 132 1.10 0.65 24.43
N LEU A 133 -0.10 0.48 23.89
CA LEU A 133 -1.27 0.31 24.74
C LEU A 133 -1.14 -0.97 25.57
N LEU A 134 -0.83 -2.09 24.91
CA LEU A 134 -0.67 -3.37 25.61
C LEU A 134 0.42 -3.33 26.71
N GLU A 135 1.50 -2.58 26.48
CA GLU A 135 2.60 -2.39 27.45
C GLU A 135 2.12 -1.66 28.71
N ALA A 136 1.42 -0.54 28.52
CA ALA A 136 0.86 0.25 29.62
C ALA A 136 -0.09 -0.55 30.52
N LEU A 137 -0.90 -1.41 29.91
CA LEU A 137 -1.87 -2.23 30.62
C LEU A 137 -1.21 -3.37 31.43
N ARG A 138 -0.20 -3.99 30.81
CA ARG A 138 0.65 -4.97 31.51
C ARG A 138 1.34 -4.28 32.69
N LYS A 139 1.75 -3.03 32.48
CA LYS A 139 2.47 -2.22 33.48
C LYS A 139 1.65 -1.87 34.73
N THR A 140 0.35 -2.05 34.69
CA THR A 140 -0.49 -1.84 35.86
C THR A 140 -0.46 -3.07 36.74
N GLN A 141 0.16 -4.11 36.22
CA GLN A 141 0.23 -5.41 36.85
C GLN A 141 -0.93 -5.77 37.75
N GLY A 142 -2.12 -5.92 37.17
CA GLY A 142 -3.28 -6.46 37.85
C GLY A 142 -3.85 -5.73 39.05
N GLN A 143 -3.45 -4.48 39.24
CA GLN A 143 -3.96 -3.63 40.30
C GLN A 143 -5.07 -2.73 39.76
N PRO A 144 -5.92 -2.20 40.62
CA PRO A 144 -6.93 -1.24 40.15
C PRO A 144 -6.35 0.05 39.55
N PHE A 145 -7.00 0.49 38.46
CA PHE A 145 -6.63 1.69 37.71
C PHE A 145 -7.81 2.29 36.95
N ASP A 146 -7.78 3.61 36.81
CA ASP A 146 -8.75 4.36 36.00
C ASP A 146 -8.26 4.28 34.57
N PRO A 147 -9.03 3.62 33.68
CA PRO A 147 -8.62 3.43 32.31
C PRO A 147 -8.65 4.70 31.44
N THR A 148 -9.25 5.77 31.96
CA THR A 148 -9.48 7.04 31.22
C THR A 148 -8.26 7.56 30.48
N PHE A 149 -7.18 7.76 31.21
CA PHE A 149 -6.02 8.38 30.63
C PHE A 149 -4.93 7.36 30.35
N LEU A 150 -5.39 6.15 30.04
CA LEU A 150 -4.54 5.05 29.61
C LEU A 150 -5.03 4.53 28.24
N ILE A 151 -6.25 4.00 28.21
CA ILE A 151 -6.94 3.71 26.94
C ILE A 151 -6.94 4.90 25.97
N GLY A 152 -7.12 6.10 26.51
CA GLY A 152 -7.19 7.34 25.71
C GLY A 152 -5.92 7.69 24.93
N CYS A 153 -4.77 7.33 25.48
CA CYS A 153 -3.50 7.55 24.79
C CYS A 153 -3.48 6.89 23.42
N ALA A 154 -4.10 5.71 23.30
CA ALA A 154 -4.14 4.96 22.02
C ALA A 154 -4.63 5.74 20.81
N PRO A 155 -5.93 6.15 20.78
CA PRO A 155 -6.37 6.99 19.64
C PRO A 155 -5.75 8.37 19.57
N CYS A 156 -5.36 8.92 20.71
CA CYS A 156 -4.68 10.22 20.79
C CYS A 156 -3.30 10.21 20.06
N ASN A 157 -2.47 9.18 20.31
CA ASN A 157 -1.23 8.99 19.54
C ASN A 157 -1.45 8.74 18.05
N VAL A 158 -2.48 7.95 17.71
CA VAL A 158 -2.76 7.58 16.33
C VAL A 158 -3.03 8.84 15.50
N ILE A 159 -3.92 9.69 16.02
CA ILE A 159 -4.19 11.00 15.41
C ILE A 159 -3.00 11.96 15.51
N ALA A 160 -2.20 11.85 16.56
CA ALA A 160 -0.94 12.63 16.63
C ALA A 160 0.05 12.23 15.52
N ASP A 161 0.18 10.94 15.23
CA ASP A 161 1.00 10.50 14.10
C ASP A 161 0.58 11.14 12.77
N ILE A 162 -0.68 10.94 12.37
CA ILE A 162 -1.24 11.58 11.15
C ILE A 162 -1.04 13.11 11.13
N LEU A 163 -1.39 13.77 12.22
CA LEU A 163 -1.39 15.23 12.30
C LEU A 163 0.00 15.87 12.38
N PHE A 164 0.82 15.38 13.31
CA PHE A 164 2.08 16.07 13.68
C PHE A 164 3.36 15.28 13.46
N ARG A 165 3.25 13.99 13.09
CA ARG A 165 4.42 13.11 13.03
C ARG A 165 4.94 12.84 14.45
N LYS A 166 4.10 13.14 15.44
CA LYS A 166 4.49 13.16 16.85
C LYS A 166 3.93 11.95 17.60
N HIS A 167 4.81 11.28 18.34
CA HIS A 167 4.44 10.19 19.23
C HIS A 167 4.81 10.51 20.68
N PHE A 168 3.84 10.29 21.57
CA PHE A 168 3.94 10.67 22.97
C PHE A 168 4.09 9.45 23.87
N ASP A 169 4.95 9.56 24.87
CA ASP A 169 4.99 8.59 25.96
C ASP A 169 3.70 8.72 26.78
N TYR A 170 3.21 7.59 27.28
CA TYR A 170 1.97 7.53 28.08
C TYR A 170 2.06 8.31 29.41
N ASN A 171 3.29 8.61 29.85
CA ASN A 171 3.54 9.33 31.12
C ASN A 171 3.86 10.82 30.95
N ASP A 172 3.92 11.27 29.69
CA ASP A 172 4.37 12.63 29.34
C ASP A 172 3.35 13.70 29.74
N GLU A 173 3.87 14.82 30.24
CA GLU A 173 3.07 15.87 30.89
C GLU A 173 2.03 16.58 29.99
N LYS A 174 2.45 17.07 28.81
CA LYS A 174 1.51 17.76 27.90
C LYS A 174 0.58 16.79 27.19
N PHE A 175 1.00 15.54 27.03
CA PHE A 175 0.14 14.47 26.55
C PHE A 175 -1.10 14.38 27.45
N LEU A 176 -0.85 14.00 28.71
CA LEU A 176 -1.88 13.86 29.73
C LEU A 176 -2.76 15.10 29.88
N ARG A 177 -2.14 16.28 29.77
CA ARG A 177 -2.87 17.54 29.87
C ARG A 177 -3.86 17.79 28.70
N LEU A 178 -3.42 17.50 27.47
CA LEU A 178 -4.25 17.63 26.27
C LEU A 178 -5.45 16.68 26.35
N MET A 179 -5.20 15.45 26.79
CA MET A 179 -6.26 14.46 27.02
C MET A 179 -7.23 14.92 28.12
N TYR A 180 -6.68 15.53 29.18
CA TYR A 180 -7.46 16.05 30.30
C TYR A 180 -8.45 17.10 29.81
N LEU A 181 -7.96 18.01 28.96
CA LEU A 181 -8.77 19.09 28.42
C LEU A 181 -9.86 18.61 27.45
N PHE A 182 -9.50 17.65 26.59
CA PHE A 182 -10.44 16.99 25.65
C PHE A 182 -11.59 16.37 26.45
N ASN A 183 -11.19 15.55 27.44
CA ASN A 183 -12.10 14.89 28.39
C ASN A 183 -12.97 15.86 29.13
N GLU A 184 -12.37 16.90 29.72
CA GLU A 184 -13.15 17.94 30.41
C GLU A 184 -14.18 18.63 29.53
N ASN A 185 -13.78 19.00 28.32
CA ASN A 185 -14.68 19.64 27.36
C ASN A 185 -15.88 18.76 26.94
N PHE A 186 -15.59 17.57 26.39
CA PHE A 186 -16.65 16.60 26.11
C PHE A 186 -17.59 16.41 27.31
N HIS A 187 -17.02 16.31 28.51
CA HIS A 187 -17.77 16.19 29.78
C HIS A 187 -18.69 17.40 30.08
N LEU A 188 -18.11 18.59 30.06
CA LEU A 188 -18.81 19.82 30.44
C LEU A 188 -19.86 20.24 29.43
N LEU A 189 -19.57 19.99 28.16
CA LEU A 189 -20.51 20.18 27.07
C LEU A 189 -21.75 19.27 27.16
N SER A 190 -21.68 18.27 28.03
CA SER A 190 -22.75 17.34 28.21
C SER A 190 -23.51 17.67 29.50
N THR A 191 -23.18 18.80 30.13
CA THR A 191 -23.80 19.20 31.41
C THR A 191 -24.90 20.23 31.21
N PRO A 192 -25.84 20.34 32.16
CA PRO A 192 -26.95 21.25 31.95
C PRO A 192 -26.57 22.75 31.83
N TRP A 193 -25.57 23.22 32.57
CA TRP A 193 -25.17 24.64 32.51
C TRP A 193 -24.67 25.01 31.12
N LEU A 194 -23.84 24.17 30.52
CA LEU A 194 -23.40 24.36 29.15
C LEU A 194 -24.54 24.28 28.11
N GLN A 195 -25.52 23.42 28.34
CA GLN A 195 -26.70 23.39 27.47
C GLN A 195 -27.45 24.72 27.48
N LEU A 196 -27.58 25.29 28.67
CA LEU A 196 -28.23 26.59 28.83
C LEU A 196 -27.36 27.70 28.19
N TYR A 197 -26.04 27.62 28.38
CA TYR A 197 -25.13 28.62 27.85
C TYR A 197 -25.18 28.70 26.31
N ASN A 198 -25.27 27.57 25.62
CA ASN A 198 -25.19 27.56 24.14
C ASN A 198 -26.42 28.16 23.42
N ASN A 199 -27.52 28.32 24.17
CA ASN A 199 -28.72 28.96 23.65
C ASN A 199 -29.04 30.32 24.29
N PHE A 200 -28.28 30.71 25.31
CA PHE A 200 -28.40 32.05 25.93
C PHE A 200 -27.01 32.74 26.13
N PRO A 201 -26.12 32.67 25.11
CA PRO A 201 -24.72 33.03 25.36
C PRO A 201 -24.51 34.50 25.72
N SER A 202 -25.36 35.38 25.20
CA SER A 202 -25.21 36.81 25.42
C SER A 202 -25.58 37.26 26.84
N PHE A 203 -26.67 36.71 27.39
CA PHE A 203 -27.08 36.89 28.81
C PHE A 203 -26.10 36.30 29.84
N LEU A 204 -25.42 35.22 29.46
CA LEU A 204 -24.70 34.37 30.41
C LEU A 204 -23.17 34.38 30.29
N HIS A 205 -22.68 34.67 29.07
CA HIS A 205 -21.24 34.61 28.78
C HIS A 205 -20.33 35.23 29.84
N TYR A 206 -20.74 36.39 30.35
CA TYR A 206 -19.91 37.15 31.28
C TYR A 206 -20.28 37.00 32.75
N LEU A 207 -21.17 36.07 33.06
CA LEU A 207 -21.38 35.64 34.45
C LEU A 207 -20.30 34.58 34.76
N PRO A 208 -20.06 34.26 36.04
CA PRO A 208 -19.14 33.13 36.24
C PRO A 208 -19.80 31.76 35.93
N GLY A 209 -18.98 30.71 35.86
CA GLY A 209 -19.48 29.37 35.63
C GLY A 209 -18.67 28.51 34.68
N SER A 210 -19.11 27.25 34.55
CA SER A 210 -18.36 26.25 33.79
C SER A 210 -18.13 26.56 32.30
N HIS A 211 -18.94 27.44 31.72
CA HIS A 211 -18.72 27.83 30.33
C HIS A 211 -17.32 28.46 30.17
N ARG A 212 -16.90 29.21 31.20
CA ARG A 212 -15.57 29.85 31.24
C ARG A 212 -14.44 28.83 31.24
N LYS A 213 -14.63 27.70 31.92
CA LYS A 213 -13.65 26.62 31.86
C LYS A 213 -13.55 26.03 30.46
N VAL A 214 -14.69 25.84 29.78
CA VAL A 214 -14.68 25.30 28.42
C VAL A 214 -13.93 26.22 27.46
N ILE A 215 -14.27 27.51 27.51
CA ILE A 215 -13.62 28.57 26.71
C ILE A 215 -12.10 28.63 26.96
N LYS A 216 -11.67 28.69 28.23
CA LYS A 216 -10.23 28.65 28.56
C LYS A 216 -9.59 27.40 27.96
N ASN A 217 -10.28 26.26 28.13
CA ASN A 217 -9.80 24.95 27.68
C ASN A 217 -9.58 24.91 26.16
N VAL A 218 -10.57 25.37 25.41
CA VAL A 218 -10.51 25.46 23.96
C VAL A 218 -9.28 26.29 23.52
N ALA A 219 -9.10 27.46 24.13
CA ALA A 219 -7.96 28.37 23.89
C ALA A 219 -6.57 27.76 24.17
N GLU A 220 -6.50 26.88 25.18
CA GLU A 220 -5.27 26.19 25.55
C GLU A 220 -4.88 25.15 24.49
N VAL A 221 -5.87 24.38 24.03
CA VAL A 221 -5.63 23.36 23.00
C VAL A 221 -5.20 24.06 21.72
N LYS A 222 -5.96 25.08 21.34
CA LYS A 222 -5.66 25.89 20.15
C LYS A 222 -4.23 26.44 20.23
N GLU A 223 -3.83 26.99 21.38
CA GLU A 223 -2.47 27.51 21.58
C GLU A 223 -1.40 26.41 21.45
N TYR A 224 -1.66 25.23 22.02
CA TYR A 224 -0.74 24.10 21.82
C TYR A 224 -0.58 23.72 20.34
N VAL A 225 -1.70 23.66 19.62
CA VAL A 225 -1.73 23.37 18.19
C VAL A 225 -1.00 24.46 17.39
N SER A 226 -1.47 25.71 17.52
CA SER A 226 -0.84 26.90 16.95
C SER A 226 0.68 26.83 16.93
N GLU A 227 1.27 26.53 18.10
CA GLU A 227 2.71 26.41 18.26
C GLU A 227 3.36 25.27 17.48
N ARG A 228 2.67 24.14 17.38
CA ARG A 228 3.14 23.02 16.58
C ARG A 228 3.07 23.33 15.08
N VAL A 229 2.12 24.18 14.71
CA VAL A 229 1.90 24.59 13.32
C VAL A 229 3.00 25.54 12.84
N LYS A 230 3.27 26.59 13.63
CA LYS A 230 4.33 27.57 13.33
C LYS A 230 5.72 26.90 13.33
N GLU A 231 5.88 25.90 14.19
CA GLU A 231 7.05 25.03 14.23
C GLU A 231 7.20 24.33 12.89
N HIS A 232 6.09 23.85 12.35
CA HIS A 232 6.04 23.16 11.03
C HIS A 232 6.38 24.09 9.86
N HIS A 233 5.96 25.35 9.97
CA HIS A 233 6.29 26.38 8.99
C HIS A 233 7.82 26.55 8.97
N GLN A 234 8.40 26.82 10.14
CA GLN A 234 9.84 27.11 10.34
C GLN A 234 10.82 26.03 9.85
N SER A 235 10.34 24.80 9.63
CA SER A 235 11.17 23.76 9.03
C SER A 235 10.48 22.96 7.91
N LEU A 236 9.45 23.56 7.33
CA LEU A 236 8.68 22.92 6.27
C LEU A 236 9.51 22.66 5.01
N ASP A 237 9.52 21.40 4.58
CA ASP A 237 10.08 21.00 3.29
C ASP A 237 8.90 20.75 2.32
N PRO A 238 8.62 21.73 1.44
CA PRO A 238 7.53 21.62 0.44
C PRO A 238 7.69 20.44 -0.54
N ASN A 239 8.90 19.90 -0.66
CA ASN A 239 9.16 18.68 -1.44
C ASN A 239 8.75 17.44 -0.67
N CYS A 240 8.91 17.47 0.64
CA CYS A 240 8.76 16.26 1.46
C CYS A 240 7.90 16.47 2.73
N PRO A 241 6.57 16.66 2.56
CA PRO A 241 5.63 16.88 3.67
C PRO A 241 5.62 15.72 4.67
N ARG A 242 5.76 16.02 5.96
CA ARG A 242 5.91 14.99 6.99
C ARG A 242 4.56 14.46 7.51
N ASP A 243 3.48 15.20 7.27
CA ASP A 243 2.18 14.98 7.92
C ASP A 243 1.07 15.91 7.41
N LEU A 244 -0.15 15.75 7.95
CA LEU A 244 -1.31 16.55 7.56
C LEU A 244 -1.13 18.04 7.85
N THR A 245 -0.46 18.36 8.95
CA THR A 245 -0.15 19.74 9.28
C THR A 245 0.75 20.37 8.19
N ASP A 246 1.66 19.56 7.64
CA ASP A 246 2.50 19.95 6.50
C ASP A 246 1.71 20.14 5.22
N CYS A 247 0.83 19.17 4.93
CA CYS A 247 0.02 19.19 3.71
C CYS A 247 -0.88 20.40 3.66
N LEU A 248 -1.19 20.96 4.84
CA LEU A 248 -2.03 22.15 4.92
C LEU A 248 -1.19 23.42 4.74
N LEU A 249 0.05 23.38 5.20
CA LEU A 249 1.02 24.46 5.00
C LEU A 249 1.40 24.61 3.52
N VAL A 250 1.62 23.47 2.88
CA VAL A 250 1.90 23.39 1.44
C VAL A 250 0.77 24.04 0.63
N GLU A 251 -0.48 23.76 1.02
CA GLU A 251 -1.66 24.27 0.34
C GLU A 251 -1.86 25.78 0.55
N MET A 252 -1.40 26.29 1.70
CA MET A 252 -1.47 27.72 2.03
C MET A 252 -0.46 28.56 1.26
N GLU A 253 0.70 27.98 0.98
CA GLU A 253 1.76 28.72 0.32
C GLU A 253 1.83 28.51 -1.19
N LYS A 254 1.01 27.60 -1.70
CA LYS A 254 0.75 27.52 -3.14
C LYS A 254 -0.14 28.69 -3.53
N GLU A 255 -0.88 29.20 -2.55
CA GLU A 255 -1.88 30.22 -2.80
C GLU A 255 -1.51 31.60 -2.21
N LYS A 256 -0.21 31.83 -2.06
CA LYS A 256 0.34 33.14 -1.65
C LYS A 256 -0.16 34.31 -2.53
N HIS A 257 -0.04 34.14 -3.85
CA HIS A 257 -0.37 35.16 -4.86
C HIS A 257 -1.89 35.41 -4.98
N SER A 258 -2.70 34.44 -4.57
CA SER A 258 -4.16 34.53 -4.58
C SER A 258 -4.72 35.70 -3.77
N ALA A 259 -5.76 36.34 -4.31
CA ALA A 259 -6.47 37.43 -3.64
C ALA A 259 -7.38 36.86 -2.56
N GLU A 260 -8.24 35.93 -2.95
CA GLU A 260 -9.11 35.21 -2.02
C GLU A 260 -8.36 34.01 -1.41
N ARG A 261 -8.27 34.02 -0.07
CA ARG A 261 -7.55 32.98 0.65
C ARG A 261 -8.48 31.95 1.27
N LEU A 262 -8.21 30.68 0.99
CA LEU A 262 -8.92 29.59 1.62
C LEU A 262 -8.31 29.30 2.99
N TYR A 263 -6.97 29.20 3.05
CA TYR A 263 -6.25 28.85 4.28
C TYR A 263 -5.58 30.04 4.96
N THR A 264 -5.81 30.20 6.27
CA THR A 264 -4.95 31.05 7.10
C THR A 264 -4.21 30.17 8.10
N MET A 265 -3.25 30.76 8.82
CA MET A 265 -2.55 30.03 9.89
C MET A 265 -3.52 29.75 11.03
N ASP A 266 -4.46 30.67 11.25
CA ASP A 266 -5.55 30.52 12.20
C ASP A 266 -6.49 29.40 11.75
N GLY A 267 -6.81 29.38 10.46
CA GLY A 267 -7.69 28.38 9.87
C GLY A 267 -7.16 26.94 9.94
N ILE A 268 -5.85 26.79 9.76
CA ILE A 268 -5.19 25.48 9.76
C ILE A 268 -5.07 24.93 11.17
N THR A 269 -4.73 25.80 12.13
CA THR A 269 -4.66 25.42 13.52
C THR A 269 -6.04 24.93 14.01
N VAL A 270 -7.10 25.67 13.68
CA VAL A 270 -8.47 25.22 13.93
C VAL A 270 -8.78 23.84 13.30
N THR A 271 -8.39 23.62 12.03
CA THR A 271 -8.57 22.33 11.33
C THR A 271 -7.89 21.18 12.08
N VAL A 272 -6.68 21.47 12.52
CA VAL A 272 -5.85 20.54 13.26
C VAL A 272 -6.38 20.38 14.69
N ALA A 273 -6.69 21.48 15.37
CA ALA A 273 -7.29 21.42 16.70
C ALA A 273 -8.59 20.60 16.69
N ASP A 274 -9.44 20.82 15.67
CA ASP A 274 -10.59 19.97 15.37
C ASP A 274 -10.24 18.49 15.30
N LEU A 275 -9.31 18.13 14.42
CA LEU A 275 -9.03 16.72 14.13
C LEU A 275 -8.38 16.04 15.34
N PHE A 276 -7.66 16.83 16.12
CA PHE A 276 -6.96 16.39 17.31
C PHE A 276 -8.01 16.03 18.40
N PHE A 277 -8.94 16.94 18.67
CA PHE A 277 -10.02 16.76 19.65
C PHE A 277 -10.97 15.60 19.26
N ALA A 278 -11.54 15.69 18.05
CA ALA A 278 -12.47 14.67 17.58
C ALA A 278 -11.78 13.33 17.42
N GLY A 279 -10.54 13.37 16.89
CA GLY A 279 -9.72 12.19 16.67
C GLY A 279 -9.42 11.40 17.92
N THR A 280 -9.45 12.07 19.07
CA THR A 280 -9.13 11.45 20.37
C THR A 280 -10.35 11.04 21.21
N GLU A 281 -11.28 11.98 21.38
CA GLU A 281 -12.24 11.92 22.46
C GLU A 281 -13.37 10.90 22.32
N THR A 282 -14.00 10.85 21.16
CA THR A 282 -15.13 9.96 20.94
C THR A 282 -14.72 8.46 20.92
N THR A 283 -13.59 8.16 20.27
CA THR A 283 -13.04 6.81 20.26
C THR A 283 -12.63 6.35 21.66
N SER A 284 -11.90 7.20 22.38
CA SER A 284 -11.54 6.91 23.77
C SER A 284 -12.77 6.65 24.67
N THR A 285 -13.78 7.51 24.55
CA THR A 285 -15.02 7.34 25.33
C THR A 285 -15.70 6.02 24.95
N THR A 286 -15.80 5.76 23.63
CA THR A 286 -16.37 4.52 23.14
C THR A 286 -15.67 3.28 23.71
N LEU A 287 -14.33 3.30 23.72
CA LEU A 287 -13.55 2.16 24.17
C LEU A 287 -13.79 1.96 25.66
N ARG A 288 -13.88 3.08 26.36
CA ARG A 288 -14.00 3.09 27.81
C ARG A 288 -15.36 2.59 28.25
N TYR A 289 -16.40 3.06 27.58
CA TYR A 289 -17.76 2.55 27.73
C TYR A 289 -17.86 1.05 27.39
N GLY A 290 -17.23 0.66 26.29
CA GLY A 290 -17.22 -0.74 25.85
C GLY A 290 -16.61 -1.71 26.86
N LEU A 291 -15.60 -1.25 27.59
CA LEU A 291 -14.95 -2.06 28.59
C LEU A 291 -15.87 -2.24 29.81
N LEU A 292 -16.61 -1.20 30.16
CA LEU A 292 -17.56 -1.27 31.27
C LEU A 292 -18.75 -2.20 30.96
N ILE A 293 -19.20 -2.17 29.72
CA ILE A 293 -20.27 -3.02 29.26
C ILE A 293 -19.83 -4.48 29.31
N LEU A 294 -18.63 -4.75 28.79
CA LEU A 294 -18.14 -6.11 28.70
C LEU A 294 -17.97 -6.69 30.10
N MET A 295 -17.61 -5.83 31.05
CA MET A 295 -17.58 -6.22 32.46
C MET A 295 -18.96 -6.47 33.11
N LYS A 296 -20.01 -5.84 32.57
CA LYS A 296 -21.38 -6.10 33.04
C LYS A 296 -21.91 -7.46 32.58
N TYR A 297 -21.43 -7.91 31.41
CA TYR A 297 -21.83 -9.18 30.85
C TYR A 297 -20.61 -10.07 30.65
N PRO A 298 -20.14 -10.72 31.74
CA PRO A 298 -19.04 -11.69 31.73
C PRO A 298 -19.19 -12.73 30.62
N GLU A 299 -20.43 -13.15 30.37
CA GLU A 299 -20.73 -14.14 29.35
C GLU A 299 -20.43 -13.68 27.93
N ILE A 300 -20.51 -12.38 27.68
CA ILE A 300 -20.18 -11.84 26.36
C ILE A 300 -18.66 -11.77 26.13
N GLU A 301 -17.91 -11.31 27.13
CA GLU A 301 -16.45 -11.30 27.08
C GLU A 301 -15.88 -12.71 26.85
N GLU A 302 -16.37 -13.69 27.61
CA GLU A 302 -16.01 -15.11 27.45
C GLU A 302 -16.16 -15.53 25.96
N LYS A 303 -17.34 -15.31 25.38
CA LYS A 303 -17.58 -15.64 23.97
C LYS A 303 -16.58 -14.92 23.07
N LEU A 304 -16.30 -13.66 23.38
CA LEU A 304 -15.27 -12.92 22.64
C LEU A 304 -13.88 -13.58 22.71
N HIS A 305 -13.52 -14.04 23.91
CA HIS A 305 -12.21 -14.65 24.14
C HIS A 305 -12.02 -15.93 23.33
N GLU A 306 -13.08 -16.75 23.27
CA GLU A 306 -13.02 -18.01 22.55
C GLU A 306 -12.88 -17.75 21.04
N GLU A 307 -13.53 -16.70 20.54
CA GLU A 307 -13.46 -16.36 19.12
C GLU A 307 -12.11 -15.74 18.74
N ILE A 308 -11.53 -14.96 19.65
CA ILE A 308 -10.17 -14.43 19.46
C ILE A 308 -9.11 -15.55 19.49
N ASP A 309 -9.28 -16.51 20.41
CA ASP A 309 -8.36 -17.66 20.54
C ASP A 309 -8.43 -18.59 19.33
N ARG A 310 -9.62 -18.71 18.76
CA ARG A 310 -9.89 -19.56 17.61
C ARG A 310 -9.37 -18.95 16.30
N VAL A 311 -9.81 -17.73 16.01
CA VAL A 311 -9.48 -17.07 14.74
C VAL A 311 -8.05 -16.51 14.69
N ILE A 312 -7.65 -15.79 15.73
CA ILE A 312 -6.36 -15.11 15.77
C ILE A 312 -5.32 -15.91 16.58
N GLY A 313 -5.76 -16.51 17.67
CA GLY A 313 -4.85 -17.21 18.57
C GLY A 313 -4.21 -16.27 19.57
N PRO A 314 -3.44 -16.83 20.52
CA PRO A 314 -2.96 -16.07 21.68
C PRO A 314 -1.93 -14.95 21.40
N SER A 315 -1.38 -14.86 20.19
CA SER A 315 -0.20 -14.00 19.98
C SER A 315 -0.15 -13.11 18.72
N ARG A 316 -0.87 -13.49 17.66
CA ARG A 316 -0.70 -12.82 16.39
C ARG A 316 -1.49 -11.51 16.38
N ILE A 317 -0.82 -10.41 16.04
CA ILE A 317 -1.45 -9.08 16.10
C ILE A 317 -2.72 -9.06 15.24
N PRO A 318 -3.86 -8.62 15.84
CA PRO A 318 -5.11 -8.50 15.11
C PRO A 318 -4.92 -7.63 13.87
N ALA A 319 -5.60 -8.03 12.80
CA ALA A 319 -5.53 -7.37 11.50
C ALA A 319 -6.96 -7.11 11.12
N ILE A 320 -7.19 -6.14 10.21
CA ILE A 320 -8.55 -5.84 9.78
C ILE A 320 -9.16 -6.98 8.99
N LYS A 321 -8.31 -7.75 8.32
CA LYS A 321 -8.73 -8.89 7.51
C LYS A 321 -9.30 -10.00 8.39
N ASP A 322 -9.20 -9.83 9.71
CA ASP A 322 -9.80 -10.78 10.67
C ASP A 322 -11.30 -10.56 10.95
N ARG A 323 -11.83 -9.37 10.60
CA ARG A 323 -13.22 -8.99 10.88
C ARG A 323 -14.24 -9.93 10.23
N GLN A 324 -14.09 -10.12 8.91
CA GLN A 324 -14.82 -11.10 8.11
C GLN A 324 -14.99 -12.45 8.80
N GLU A 325 -13.99 -12.84 9.60
CA GLU A 325 -13.95 -14.17 10.21
C GLU A 325 -14.33 -14.12 11.69
N MET A 326 -14.56 -12.90 12.19
CA MET A 326 -14.95 -12.67 13.58
C MET A 326 -16.31 -11.98 13.71
N PRO A 327 -17.40 -12.71 13.42
CA PRO A 327 -18.71 -12.07 13.42
C PRO A 327 -19.20 -11.61 14.80
N TYR A 328 -18.81 -12.32 15.87
CA TYR A 328 -19.25 -11.94 17.22
C TYR A 328 -18.61 -10.60 17.65
N MET A 329 -17.32 -10.45 17.39
CA MET A 329 -16.59 -9.23 17.68
C MET A 329 -17.14 -8.05 16.88
N ASP A 330 -17.32 -8.28 15.57
CA ASP A 330 -17.87 -7.28 14.69
C ASP A 330 -19.21 -6.76 15.25
N ALA A 331 -20.06 -7.68 15.71
CA ALA A 331 -21.40 -7.33 16.21
C ALA A 331 -21.34 -6.59 17.54
N VAL A 332 -20.43 -7.01 18.41
CA VAL A 332 -20.21 -6.39 19.70
C VAL A 332 -19.72 -4.95 19.53
N VAL A 333 -18.87 -4.73 18.54
CA VAL A 333 -18.29 -3.43 18.28
C VAL A 333 -19.38 -2.48 17.80
N HIS A 334 -20.27 -3.00 16.94
CA HIS A 334 -21.42 -2.21 16.47
C HIS A 334 -22.39 -1.96 17.59
N GLU A 335 -22.65 -3.00 18.39
CA GLU A 335 -23.54 -2.87 19.51
C GLU A 335 -23.03 -1.90 20.58
N ILE A 336 -21.72 -1.79 20.77
CA ILE A 336 -21.19 -0.80 21.71
C ILE A 336 -21.57 0.61 21.25
N GLN A 337 -21.33 0.93 19.96
CA GLN A 337 -21.68 2.22 19.41
C GLN A 337 -23.19 2.51 19.34
N ARG A 338 -24.01 1.50 19.06
CA ARG A 338 -25.46 1.66 19.00
C ARG A 338 -26.00 1.90 20.41
N PHE A 339 -25.56 1.07 21.35
CA PHE A 339 -26.03 1.11 22.74
C PHE A 339 -25.75 2.45 23.46
N ILE A 340 -24.54 3.00 23.28
CA ILE A 340 -24.12 4.17 24.07
C ILE A 340 -24.55 5.53 23.48
N THR A 341 -25.02 5.52 22.23
CA THR A 341 -25.47 6.72 21.50
C THR A 341 -24.64 7.95 21.89
N LEU A 342 -23.35 7.88 21.55
CA LEU A 342 -22.33 8.75 22.14
C LEU A 342 -22.59 10.24 21.88
N VAL A 343 -23.13 10.57 20.71
CA VAL A 343 -23.47 11.97 20.37
C VAL A 343 -24.92 11.97 19.90
N PRO A 344 -25.79 11.94 20.86
CA PRO A 344 -27.14 11.43 20.73
C PRO A 344 -28.13 12.40 20.08
N SER A 345 -27.78 13.65 20.04
CA SER A 345 -28.45 14.62 19.23
C SER A 345 -27.65 15.05 18.00
N ASN A 346 -26.67 14.29 17.60
CA ASN A 346 -25.82 14.69 16.50
C ASN A 346 -25.08 16.00 16.82
N LEU A 347 -24.43 16.56 15.84
CA LEU A 347 -24.04 17.94 15.90
C LEU A 347 -25.11 18.76 15.16
N PRO A 348 -25.36 20.01 15.61
CA PRO A 348 -26.47 20.77 15.04
C PRO A 348 -26.15 21.12 13.58
N HIS A 349 -27.16 21.05 12.72
CA HIS A 349 -27.09 21.51 11.33
C HIS A 349 -27.88 22.82 11.26
N GLU A 350 -27.85 23.47 10.10
CA GLU A 350 -28.71 24.63 9.85
C GLU A 350 -29.08 24.74 8.38
N ALA A 351 -30.26 25.29 8.12
CA ALA A 351 -30.73 25.50 6.76
C ALA A 351 -29.87 26.56 6.06
N THR A 352 -29.18 26.14 5.01
CA THR A 352 -28.37 27.04 4.18
C THR A 352 -29.28 27.94 3.35
N ARG A 353 -30.54 27.50 3.20
CA ARG A 353 -31.53 28.16 2.36
C ARG A 353 -32.92 27.93 2.93
N ASP A 354 -33.81 28.92 2.73
CA ASP A 354 -35.26 28.78 2.96
C ASP A 354 -35.74 27.49 2.30
N THR A 355 -36.13 26.48 3.09
CA THR A 355 -36.36 25.13 2.55
C THR A 355 -37.81 24.62 2.77
N ILE A 356 -38.30 23.76 1.89
CA ILE A 356 -39.62 23.12 2.08
C ILE A 356 -39.45 21.62 2.33
N PHE A 357 -39.63 21.23 3.60
CA PHE A 357 -39.39 19.90 4.09
C PHE A 357 -40.72 19.31 4.42
N ARG A 358 -41.04 18.19 3.82
CA ARG A 358 -42.37 17.67 3.91
C ARG A 358 -43.25 18.77 3.37
N GLY A 359 -44.10 19.39 4.15
CA GLY A 359 -44.85 20.52 3.63
C GLY A 359 -44.62 21.81 4.39
N TYR A 360 -43.55 21.84 5.14
CA TYR A 360 -43.33 22.89 6.08
C TYR A 360 -42.25 23.81 5.60
N LEU A 361 -42.34 25.06 5.96
CA LEU A 361 -41.24 25.92 5.73
C LEU A 361 -40.24 25.79 6.85
N ILE A 362 -38.98 25.64 6.48
CA ILE A 362 -37.83 25.74 7.36
C ILE A 362 -36.97 26.91 6.83
N PRO A 363 -37.13 28.12 7.42
CA PRO A 363 -36.37 29.33 7.05
C PRO A 363 -34.86 29.17 7.06
N LYS A 364 -34.16 29.98 6.25
CA LYS A 364 -32.68 30.09 6.29
C LYS A 364 -32.22 30.19 7.73
N GLY A 365 -31.26 29.40 8.12
CA GLY A 365 -30.65 29.59 9.40
C GLY A 365 -31.45 29.22 10.62
N THR A 366 -32.50 28.45 10.42
CA THR A 366 -33.07 27.53 11.38
C THR A 366 -32.09 26.43 11.71
N VAL A 367 -31.85 26.19 12.97
CA VAL A 367 -31.02 25.11 13.39
C VAL A 367 -31.80 23.85 13.12
N VAL A 368 -31.16 22.86 12.53
CA VAL A 368 -31.81 21.60 12.25
C VAL A 368 -31.05 20.49 12.99
N VAL A 369 -31.83 19.71 13.75
CA VAL A 369 -31.30 18.67 14.64
C VAL A 369 -31.81 17.31 14.16
N PRO A 370 -30.98 16.58 13.41
CA PRO A 370 -31.36 15.25 12.98
C PRO A 370 -30.88 14.20 14.02
N THR A 371 -31.71 13.97 15.03
CA THR A 371 -31.36 13.17 16.22
C THR A 371 -30.85 11.77 15.88
N LEU A 372 -29.76 11.36 16.52
CA LEU A 372 -29.19 10.02 16.24
C LEU A 372 -29.67 8.91 17.15
N ASP A 373 -29.90 9.22 18.42
CA ASP A 373 -30.40 8.22 19.36
C ASP A 373 -31.75 7.64 18.93
N SER A 374 -32.63 8.48 18.36
CA SER A 374 -33.95 8.03 17.89
C SER A 374 -33.81 6.97 16.81
N VAL A 375 -32.69 7.03 16.07
CA VAL A 375 -32.42 6.09 15.01
C VAL A 375 -31.82 4.79 15.59
N LEU A 376 -30.81 4.95 16.44
CA LEU A 376 -30.01 3.84 16.94
C LEU A 376 -30.83 3.03 17.91
N TYR A 377 -31.86 3.65 18.46
CA TYR A 377 -32.76 2.96 19.38
C TYR A 377 -34.12 2.62 18.75
N ASP A 378 -34.23 2.65 17.43
CA ASP A 378 -35.47 2.19 16.77
C ASP A 378 -35.89 0.81 17.32
N ASN A 379 -37.11 0.70 17.87
CA ASN A 379 -37.58 -0.57 18.51
C ASN A 379 -38.08 -1.69 17.60
N GLN A 380 -38.16 -1.40 16.30
CA GLN A 380 -38.48 -2.42 15.31
C GLN A 380 -37.20 -2.96 14.65
N GLU A 381 -36.25 -2.08 14.33
CA GLU A 381 -34.93 -2.52 13.83
C GLU A 381 -34.15 -3.27 14.90
N PHE A 382 -34.28 -2.82 16.14
CA PHE A 382 -33.52 -3.39 17.25
C PHE A 382 -34.44 -3.71 18.42
N PRO A 383 -35.22 -4.82 18.33
CA PRO A 383 -36.10 -5.23 19.45
C PRO A 383 -35.36 -5.18 20.80
N ASP A 384 -36.04 -4.69 21.85
CA ASP A 384 -35.38 -4.25 23.09
C ASP A 384 -34.13 -3.34 22.84
N PRO A 385 -34.32 -2.13 22.29
CA PRO A 385 -33.22 -1.19 21.95
C PRO A 385 -32.45 -0.64 23.14
N GLU A 386 -33.07 -0.67 24.32
CA GLU A 386 -32.46 -0.21 25.55
C GLU A 386 -31.52 -1.25 26.19
N LYS A 387 -31.52 -2.48 25.67
CA LYS A 387 -30.68 -3.56 26.21
C LYS A 387 -29.45 -3.78 25.32
N PHE A 388 -28.34 -4.09 25.96
CA PHE A 388 -27.13 -4.42 25.24
C PHE A 388 -27.18 -5.87 24.75
N LYS A 389 -27.17 -6.03 23.44
CA LYS A 389 -27.37 -7.31 22.80
C LYS A 389 -26.57 -7.39 21.50
N PRO A 390 -25.49 -8.19 21.51
CA PRO A 390 -24.75 -8.41 20.29
C PRO A 390 -25.61 -8.91 19.11
N GLU A 391 -26.64 -9.72 19.39
CA GLU A 391 -27.55 -10.21 18.35
C GLU A 391 -28.44 -9.15 17.65
N HIS A 392 -28.37 -7.90 18.11
CA HIS A 392 -28.94 -6.76 17.35
C HIS A 392 -28.22 -6.61 16.01
N PHE A 393 -27.01 -7.18 15.93
CA PHE A 393 -26.18 -7.17 14.74
C PHE A 393 -25.71 -8.58 14.28
N LEU A 394 -26.55 -9.58 14.51
CA LEU A 394 -26.28 -10.97 14.14
C LEU A 394 -27.51 -11.58 13.51
N ASN A 395 -27.34 -12.21 12.35
CA ASN A 395 -28.42 -13.00 11.76
C ASN A 395 -28.67 -14.26 12.61
N GLU A 396 -29.77 -14.96 12.38
CA GLU A 396 -30.12 -16.14 13.14
C GLU A 396 -29.10 -17.27 12.92
N ASN A 397 -28.46 -17.31 11.76
CA ASN A 397 -27.35 -18.26 11.55
C ASN A 397 -25.96 -17.78 11.98
N GLY A 398 -25.92 -16.72 12.81
CA GLY A 398 -24.72 -16.25 13.51
C GLY A 398 -23.74 -15.35 12.76
N LYS A 399 -24.05 -15.03 11.51
CA LYS A 399 -23.24 -14.10 10.74
C LYS A 399 -23.56 -12.65 11.13
N PHE A 400 -22.59 -11.76 10.97
CA PHE A 400 -22.81 -10.33 11.12
C PHE A 400 -23.97 -9.90 10.25
N LYS A 401 -24.90 -9.14 10.84
CA LYS A 401 -26.03 -8.52 10.14
C LYS A 401 -25.94 -6.98 10.11
N TYR A 402 -25.80 -6.42 8.90
CA TYR A 402 -25.80 -4.98 8.66
C TYR A 402 -27.16 -4.33 8.86
N SER A 403 -27.16 -3.13 9.42
CA SER A 403 -28.36 -2.31 9.55
C SER A 403 -28.16 -0.89 9.01
N ASP A 404 -29.15 -0.41 8.26
CA ASP A 404 -29.11 0.98 7.76
C ASP A 404 -29.37 1.96 8.89
N TYR A 405 -29.75 1.42 10.03
CA TYR A 405 -29.99 2.21 11.23
C TYR A 405 -28.72 2.47 12.06
N PHE A 406 -27.63 1.78 11.75
CA PHE A 406 -26.35 2.02 12.43
C PHE A 406 -25.76 3.35 11.94
N LYS A 407 -26.23 4.43 12.55
CA LYS A 407 -25.83 5.78 12.15
C LYS A 407 -25.10 6.60 13.23
N PRO A 408 -24.11 6.00 13.94
CA PRO A 408 -23.54 6.77 15.04
C PRO A 408 -22.61 7.89 14.58
N PHE A 409 -22.16 7.78 13.33
CA PHE A 409 -21.28 8.81 12.73
C PHE A 409 -22.07 9.78 11.90
N SER A 410 -23.39 9.71 12.02
CA SER A 410 -24.30 10.47 11.16
C SER A 410 -24.24 9.95 9.70
N THR A 411 -24.60 10.82 8.77
CA THR A 411 -24.56 10.54 7.34
C THR A 411 -24.85 11.84 6.56
N GLY A 412 -24.60 11.85 5.25
CA GLY A 412 -24.82 13.05 4.44
C GLY A 412 -23.57 13.91 4.21
N LYS A 413 -23.76 15.20 3.93
CA LYS A 413 -22.64 16.11 3.64
C LYS A 413 -21.67 16.32 4.81
N ARG A 414 -22.20 16.29 6.03
CA ARG A 414 -21.37 16.57 7.21
C ARG A 414 -21.01 15.32 8.01
N VAL A 415 -21.12 14.15 7.40
CA VAL A 415 -20.80 12.89 8.06
C VAL A 415 -19.41 12.98 8.73
N CYS A 416 -19.26 12.32 9.87
CA CYS A 416 -17.98 12.25 10.58
C CYS A 416 -16.78 12.06 9.64
N ALA A 417 -15.85 13.02 9.67
CA ALA A 417 -14.66 12.99 8.81
C ALA A 417 -13.65 11.91 9.20
N GLY A 418 -13.85 11.31 10.37
CA GLY A 418 -12.93 10.30 10.89
C GLY A 418 -13.52 8.91 10.99
N GLU A 419 -14.69 8.72 10.37
CA GLU A 419 -15.41 7.43 10.46
C GLU A 419 -14.57 6.19 10.17
N GLY A 420 -13.77 6.23 9.10
CA GLY A 420 -12.97 5.07 8.68
C GLY A 420 -11.97 4.73 9.76
N LEU A 421 -11.18 5.72 10.13
CA LEU A 421 -10.25 5.61 11.24
C LEU A 421 -10.89 5.06 12.53
N ALA A 422 -11.92 5.75 13.04
CA ALA A 422 -12.60 5.36 14.30
C ALA A 422 -12.97 3.88 14.29
N ARG A 423 -13.72 3.47 13.26
CA ARG A 423 -14.22 2.09 13.13
C ARG A 423 -13.09 1.05 13.10
N MET A 424 -12.01 1.34 12.38
CA MET A 424 -10.84 0.48 12.42
C MET A 424 -10.22 0.37 13.81
N GLU A 425 -10.02 1.52 14.44
CA GLU A 425 -9.49 1.62 15.81
C GLU A 425 -10.25 0.78 16.84
N LEU A 426 -11.58 0.83 16.81
CA LEU A 426 -12.43 0.12 17.77
C LEU A 426 -12.29 -1.39 17.64
N PHE A 427 -12.30 -1.88 16.41
CA PHE A 427 -12.13 -3.31 16.16
C PHE A 427 -10.77 -3.82 16.65
N LEU A 428 -9.71 -3.19 16.15
CA LEU A 428 -8.32 -3.61 16.35
C LEU A 428 -7.85 -3.42 17.78
N LEU A 429 -8.25 -2.31 18.42
CA LEU A 429 -7.88 -2.08 19.81
C LEU A 429 -8.64 -2.95 20.81
N LEU A 430 -9.94 -3.16 20.56
CA LEU A 430 -10.70 -4.06 21.42
C LEU A 430 -10.25 -5.51 21.22
N CYS A 431 -9.92 -5.89 19.99
CA CYS A 431 -9.33 -7.20 19.72
C CYS A 431 -8.05 -7.43 20.52
N ALA A 432 -7.14 -6.44 20.42
CA ALA A 432 -5.84 -6.47 21.08
C ALA A 432 -5.95 -6.63 22.61
N ILE A 433 -6.84 -5.86 23.20
CA ILE A 433 -7.05 -5.83 24.63
C ILE A 433 -7.53 -7.16 25.12
N LEU A 434 -8.49 -7.75 24.41
CA LEU A 434 -9.07 -8.99 24.88
C LEU A 434 -8.17 -10.22 24.60
N GLN A 435 -7.31 -10.08 23.60
CA GLN A 435 -6.32 -11.10 23.25
C GLN A 435 -5.35 -11.37 24.41
N HIS A 436 -5.08 -10.31 25.19
CA HIS A 436 -4.02 -10.36 26.16
C HIS A 436 -4.46 -10.22 27.61
N PHE A 437 -5.74 -9.89 27.81
CA PHE A 437 -6.22 -9.51 29.12
C PHE A 437 -7.66 -9.98 29.40
N ASN A 438 -7.90 -10.31 30.66
CA ASN A 438 -9.26 -10.46 31.15
C ASN A 438 -9.58 -9.23 31.97
N LEU A 439 -10.80 -8.72 31.82
CA LEU A 439 -11.25 -7.54 32.55
C LEU A 439 -11.78 -7.97 33.92
N LYS A 440 -11.39 -7.24 34.93
CA LYS A 440 -11.78 -7.53 36.29
C LYS A 440 -12.47 -6.29 36.91
N PRO A 441 -13.81 -6.36 37.08
CA PRO A 441 -14.58 -5.28 37.71
C PRO A 441 -14.34 -5.27 39.22
N LEU A 442 -14.38 -4.07 39.81
CA LEU A 442 -14.14 -3.95 41.23
C LEU A 442 -15.44 -4.04 42.03
N VAL A 443 -16.55 -4.18 41.31
CA VAL A 443 -17.87 -4.44 41.91
C VAL A 443 -18.50 -5.64 41.21
N ASP A 444 -19.64 -6.09 41.71
CA ASP A 444 -20.36 -7.20 41.10
C ASP A 444 -20.96 -6.76 39.77
N PRO A 445 -20.79 -7.57 38.69
CA PRO A 445 -21.40 -7.36 37.37
C PRO A 445 -22.88 -6.96 37.41
N LYS A 446 -23.57 -7.38 38.46
CA LYS A 446 -24.98 -7.07 38.66
C LYS A 446 -25.18 -5.62 39.12
N ASP A 447 -24.22 -5.11 39.89
CA ASP A 447 -24.28 -3.76 40.43
C ASP A 447 -23.84 -2.67 39.42
N ILE A 448 -23.24 -3.07 38.31
CA ILE A 448 -22.73 -2.09 37.32
C ILE A 448 -23.85 -1.31 36.63
N ASP A 449 -23.87 0.00 36.83
CA ASP A 449 -24.87 0.85 36.18
C ASP A 449 -24.23 1.45 34.95
N LEU A 450 -24.71 1.02 33.80
CA LEU A 450 -24.23 1.43 32.49
C LEU A 450 -24.75 2.81 32.03
N SER A 451 -25.68 3.40 32.80
CA SER A 451 -26.32 4.67 32.43
C SER A 451 -25.37 5.85 32.38
N PRO A 452 -25.51 6.72 31.33
CA PRO A 452 -24.65 7.91 31.23
C PRO A 452 -24.83 8.81 32.46
N ILE A 453 -23.74 9.37 32.96
CA ILE A 453 -23.87 10.27 34.13
C ILE A 453 -24.18 11.70 33.72
N HIS A 454 -23.97 12.01 32.45
CA HIS A 454 -24.39 13.29 31.85
C HIS A 454 -24.82 13.08 30.41
N ILE A 455 -25.88 13.78 30.01
CA ILE A 455 -26.35 13.77 28.62
C ILE A 455 -26.46 15.20 28.05
N GLY A 456 -25.79 15.42 26.92
CA GLY A 456 -25.88 16.69 26.18
C GLY A 456 -25.28 16.54 24.79
N PHE A 457 -24.14 17.20 24.60
CA PHE A 457 -23.28 17.06 23.42
C PHE A 457 -22.94 15.56 23.27
N GLY A 458 -22.41 14.95 24.33
CA GLY A 458 -22.32 13.50 24.41
C GLY A 458 -23.04 12.81 25.55
N CYS A 459 -22.94 11.49 25.58
CA CYS A 459 -23.32 10.67 26.75
C CYS A 459 -22.05 10.22 27.48
N ILE A 460 -21.94 10.61 28.74
CA ILE A 460 -20.73 10.43 29.54
C ILE A 460 -20.84 9.23 30.49
N PRO A 461 -19.93 8.24 30.36
CA PRO A 461 -19.96 7.06 31.20
C PRO A 461 -19.66 7.41 32.64
N PRO A 462 -20.18 6.60 33.58
CA PRO A 462 -19.76 6.73 34.97
C PRO A 462 -18.25 6.49 35.09
N ARG A 463 -17.61 7.20 36.02
CA ARG A 463 -16.21 6.99 36.33
C ARG A 463 -16.13 5.63 37.01
N TYR A 464 -15.09 4.87 36.70
CA TYR A 464 -14.83 3.57 37.32
C TYR A 464 -13.36 3.23 37.26
N LYS A 465 -12.96 2.33 38.16
CA LYS A 465 -11.66 1.67 38.10
C LYS A 465 -11.85 0.17 37.83
N LEU A 466 -10.83 -0.45 37.25
CA LEU A 466 -10.83 -1.90 37.02
C LEU A 466 -9.44 -2.47 37.10
N CYS A 467 -9.34 -3.80 36.95
CA CYS A 467 -8.07 -4.47 36.72
C CYS A 467 -8.13 -5.24 35.40
N VAL A 468 -6.95 -5.47 34.84
CA VAL A 468 -6.77 -6.28 33.65
C VAL A 468 -5.77 -7.37 34.04
N ILE A 469 -6.14 -8.61 33.74
CA ILE A 469 -5.41 -9.79 34.19
C ILE A 469 -4.83 -10.54 33.00
N PRO A 470 -3.49 -10.56 32.85
CA PRO A 470 -2.83 -11.08 31.65
C PRO A 470 -3.17 -12.53 31.30
N ARG A 471 -3.29 -12.78 30.01
CA ARG A 471 -3.64 -14.10 29.49
C ARG A 471 -2.43 -14.93 29.00
N SER A 472 -1.29 -14.28 28.77
CA SER A 472 -0.19 -14.86 27.96
C SER A 472 1.10 -15.08 28.72
N LYS B 10 9.46 22.37 -14.36
CA LYS B 10 10.06 21.50 -13.30
C LYS B 10 10.31 20.05 -13.79
N LEU B 11 9.90 19.74 -15.02
CA LEU B 11 10.27 18.45 -15.65
C LEU B 11 11.75 18.49 -16.04
N PRO B 12 12.46 17.34 -15.95
CA PRO B 12 13.87 17.34 -16.40
C PRO B 12 13.99 17.84 -17.84
N PRO B 13 15.15 18.40 -18.22
CA PRO B 13 15.31 18.97 -19.57
C PRO B 13 15.19 17.91 -20.66
N GLY B 14 14.88 18.32 -21.87
CA GLY B 14 14.70 17.38 -22.98
C GLY B 14 14.39 18.05 -24.32
N PRO B 15 14.53 17.28 -25.42
CA PRO B 15 14.24 17.83 -26.74
C PRO B 15 12.75 18.17 -26.84
N PHE B 16 12.42 19.23 -27.58
CA PHE B 16 11.04 19.70 -27.73
C PHE B 16 10.23 18.65 -28.55
N PRO B 17 9.18 18.09 -27.95
CA PRO B 17 8.37 17.07 -28.63
C PRO B 17 7.51 17.66 -29.74
N LEU B 18 7.19 16.83 -30.72
CA LEU B 18 6.27 17.20 -31.80
C LEU B 18 4.90 16.65 -31.44
N PRO B 19 3.85 17.18 -32.05
CA PRO B 19 2.52 16.64 -31.86
C PRO B 19 2.41 15.23 -32.36
N ILE B 20 1.67 14.40 -31.65
CA ILE B 20 1.43 13.00 -31.88
C ILE B 20 2.62 12.05 -31.66
N ILE B 21 3.74 12.40 -32.22
CA ILE B 21 4.89 11.55 -32.20
C ILE B 21 5.83 11.88 -31.09
N GLY B 22 5.58 12.95 -30.38
CA GLY B 22 6.49 13.39 -29.34
C GLY B 22 7.91 13.54 -29.87
N ASN B 23 8.84 12.81 -29.27
CA ASN B 23 10.27 12.84 -29.63
C ASN B 23 10.77 11.73 -30.55
N LEU B 24 9.89 11.20 -31.38
CA LEU B 24 10.26 10.04 -32.20
C LEU B 24 11.46 10.28 -33.16
N PHE B 25 11.69 11.52 -33.58
CA PHE B 25 12.82 11.90 -34.43
C PHE B 25 14.20 11.90 -33.73
N GLN B 26 14.20 11.89 -32.39
CA GLN B 26 15.44 11.85 -31.60
C GLN B 26 15.85 10.43 -31.27
N LEU B 27 15.00 9.47 -31.66
CA LEU B 27 15.24 8.05 -31.39
C LEU B 27 15.54 7.26 -32.67
N GLU B 28 16.60 6.46 -32.62
CA GLU B 28 16.85 5.41 -33.60
C GLU B 28 16.17 4.12 -33.08
N LEU B 29 15.09 3.70 -33.74
CA LEU B 29 14.33 2.54 -33.33
C LEU B 29 15.08 1.22 -33.30
N LYS B 30 16.10 1.09 -34.16
CA LYS B 30 16.98 -0.05 -34.11
C LYS B 30 18.09 0.00 -33.04
N ASN B 31 18.31 1.18 -32.44
CA ASN B 31 19.25 1.32 -31.33
C ASN B 31 18.87 2.43 -30.33
N ILE B 32 17.85 2.15 -29.53
CA ILE B 32 17.41 3.09 -28.51
C ILE B 32 18.51 3.37 -27.46
N PRO B 33 19.19 2.32 -26.95
CA PRO B 33 20.30 2.62 -26.03
C PRO B 33 21.26 3.71 -26.53
N LYS B 34 21.62 3.68 -27.82
CA LYS B 34 22.49 4.65 -28.49
C LYS B 34 21.90 6.05 -28.56
N SER B 35 20.60 6.12 -28.85
CA SER B 35 19.83 7.38 -28.79
C SER B 35 19.80 8.00 -27.40
N PHE B 36 19.56 7.18 -26.37
CA PHE B 36 19.63 7.61 -24.95
C PHE B 36 20.99 8.23 -24.54
N THR B 37 22.07 7.56 -24.92
CA THR B 37 23.43 8.06 -24.71
C THR B 37 23.68 9.41 -25.43
N ARG B 38 23.24 9.50 -26.68
CA ARG B 38 23.31 10.73 -27.52
C ARG B 38 22.56 11.84 -26.80
N LEU B 39 21.39 11.50 -26.25
CA LEU B 39 20.56 12.46 -25.55
C LEU B 39 21.13 12.94 -24.21
N ALA B 40 21.79 12.03 -23.49
CA ALA B 40 22.49 12.36 -22.25
C ALA B 40 23.70 13.29 -22.49
N GLN B 41 24.45 13.06 -23.56
CA GLN B 41 25.41 14.04 -24.12
C GLN B 41 24.86 15.46 -24.12
N ARG B 42 23.67 15.63 -24.70
CA ARG B 42 23.10 16.94 -24.94
C ARG B 42 22.41 17.58 -23.72
N PHE B 43 21.84 16.75 -22.85
CA PHE B 43 20.88 17.20 -21.82
C PHE B 43 21.23 16.78 -20.40
N GLY B 44 22.35 16.08 -20.24
CA GLY B 44 22.76 15.66 -18.91
C GLY B 44 22.20 14.29 -18.55
N PRO B 45 22.45 13.85 -17.29
CA PRO B 45 22.13 12.51 -16.77
C PRO B 45 20.66 12.16 -16.49
N VAL B 46 19.77 13.15 -16.61
CA VAL B 46 18.33 12.97 -16.34
C VAL B 46 17.57 13.87 -17.29
N PHE B 47 16.85 13.23 -18.21
CA PHE B 47 16.16 13.98 -19.23
C PHE B 47 14.79 13.40 -19.51
N THR B 48 13.97 14.22 -20.14
CA THR B 48 12.61 13.85 -20.40
C THR B 48 12.47 13.58 -21.88
N LEU B 49 11.77 12.49 -22.19
CA LEU B 49 11.30 12.15 -23.53
C LEU B 49 9.79 11.96 -23.61
N TYR B 50 9.21 12.30 -24.73
CA TYR B 50 7.85 11.94 -25.08
C TYR B 50 7.91 10.92 -26.21
N VAL B 51 7.53 9.71 -25.93
CA VAL B 51 7.47 8.78 -27.02
C VAL B 51 6.02 8.35 -27.30
N GLY B 52 5.50 8.97 -28.33
CA GLY B 52 4.10 9.02 -28.57
C GLY B 52 3.57 10.01 -27.58
N SER B 53 2.56 9.62 -26.83
CA SER B 53 2.02 10.50 -25.81
C SER B 53 2.49 10.14 -24.39
N GLN B 54 3.31 9.09 -24.25
CA GLN B 54 3.81 8.74 -22.91
C GLN B 54 5.13 9.43 -22.60
N ARG B 55 5.10 10.18 -21.50
CA ARG B 55 6.26 10.88 -20.99
C ARG B 55 7.16 9.86 -20.31
N MET B 56 8.44 9.90 -20.65
CA MET B 56 9.43 9.16 -19.88
C MET B 56 10.56 10.06 -19.39
N VAL B 57 11.12 9.67 -18.25
CA VAL B 57 12.35 10.26 -17.75
C VAL B 57 13.47 9.18 -17.81
N VAL B 58 14.59 9.54 -18.39
CA VAL B 58 15.70 8.62 -18.53
C VAL B 58 16.82 8.98 -17.58
N MET B 59 17.34 8.00 -16.85
CA MET B 59 18.57 8.13 -16.12
C MET B 59 19.72 7.45 -16.83
N HIS B 60 20.82 8.18 -16.99
CA HIS B 60 21.99 7.73 -17.72
C HIS B 60 23.25 7.98 -16.86
N GLY B 61 23.99 6.92 -16.55
CA GLY B 61 25.22 6.99 -15.75
C GLY B 61 25.03 6.46 -14.33
N TYR B 62 26.11 5.96 -13.73
CA TYR B 62 26.04 5.30 -12.44
C TYR B 62 25.36 6.11 -11.31
N LYS B 63 25.72 7.40 -11.19
CA LYS B 63 25.17 8.27 -10.15
C LYS B 63 23.65 8.43 -10.25
N ALA B 64 23.18 8.90 -11.41
CA ALA B 64 21.74 9.06 -11.65
C ALA B 64 20.94 7.74 -11.58
N VAL B 65 21.47 6.67 -12.17
CA VAL B 65 20.79 5.35 -12.19
C VAL B 65 20.71 4.73 -10.78
N LYS B 66 21.79 4.84 -10.03
CA LYS B 66 21.86 4.33 -8.67
C LYS B 66 20.88 5.07 -7.73
N GLU B 67 20.85 6.40 -7.82
CA GLU B 67 19.92 7.27 -7.11
C GLU B 67 18.46 6.88 -7.30
N ALA B 68 18.09 6.66 -8.56
CA ALA B 68 16.72 6.35 -8.93
C ALA B 68 16.32 4.95 -8.43
N LEU B 69 17.24 4.00 -8.57
CA LEU B 69 17.02 2.62 -8.13
C LEU B 69 17.18 2.41 -6.62
N LEU B 70 18.08 3.17 -6.00
CA LEU B 70 18.42 2.94 -4.59
C LEU B 70 17.88 4.02 -3.63
N ASP B 71 18.10 5.28 -3.96
CA ASP B 71 17.73 6.38 -3.06
C ASP B 71 16.32 6.94 -3.30
N TYR B 72 15.61 6.35 -4.26
CA TYR B 72 14.20 6.66 -4.51
C TYR B 72 13.49 5.33 -4.85
N LYS B 73 13.74 4.31 -4.03
CA LYS B 73 13.31 2.95 -4.37
C LYS B 73 11.80 2.65 -4.25
N ASP B 74 11.05 3.49 -3.53
CA ASP B 74 9.61 3.29 -3.42
C ASP B 74 8.81 4.12 -4.41
N GLU B 75 9.24 5.35 -4.64
CA GLU B 75 8.61 6.21 -5.63
C GLU B 75 8.79 5.72 -7.07
N PHE B 76 9.88 5.01 -7.34
CA PHE B 76 10.13 4.45 -8.67
C PHE B 76 9.94 2.94 -8.77
N SER B 77 9.25 2.32 -7.81
CA SER B 77 9.10 0.85 -7.82
C SER B 77 7.93 0.31 -8.67
N GLY B 78 7.27 1.21 -9.41
CA GLY B 78 6.29 0.85 -10.41
C GLY B 78 6.91 0.17 -11.64
N ARG B 79 6.06 -0.40 -12.48
CA ARG B 79 6.50 -1.05 -13.73
C ARG B 79 5.76 -0.46 -14.92
N GLY B 80 6.52 0.04 -15.89
CA GLY B 80 5.96 0.57 -17.11
C GLY B 80 5.30 -0.53 -17.92
N ASP B 81 4.25 -0.13 -18.65
CA ASP B 81 3.48 -1.00 -19.53
C ASP B 81 4.30 -1.50 -20.73
N LEU B 82 4.05 -2.76 -21.10
CA LEU B 82 4.61 -3.41 -22.28
C LEU B 82 3.46 -4.11 -22.98
N PRO B 83 2.78 -3.40 -23.90
CA PRO B 83 1.62 -3.84 -24.69
C PRO B 83 1.66 -5.26 -25.27
N ALA B 84 2.85 -5.73 -25.65
CA ALA B 84 3.02 -7.06 -26.22
C ALA B 84 2.78 -8.13 -25.14
N PHE B 85 2.98 -7.74 -23.89
CA PHE B 85 2.72 -8.61 -22.78
C PHE B 85 1.44 -8.21 -22.02
N HIS B 86 0.38 -7.85 -22.76
CA HIS B 86 -0.92 -7.60 -22.12
C HIS B 86 -1.49 -8.83 -21.37
N ALA B 87 -1.33 -10.02 -21.93
CA ALA B 87 -1.76 -11.24 -21.27
C ALA B 87 -1.19 -11.36 -19.86
N HIS B 88 -0.21 -10.51 -19.54
CA HIS B 88 0.49 -10.49 -18.24
C HIS B 88 0.33 -9.23 -17.39
N ARG B 89 -0.09 -8.12 -18.00
N ARG B 89 -0.12 -8.13 -18.01
CA ARG B 89 -0.16 -6.84 -17.32
CA ARG B 89 -0.32 -6.84 -17.34
C ARG B 89 -0.93 -6.91 -15.99
C ARG B 89 -0.95 -6.99 -15.95
N ASP B 90 -0.28 -6.45 -14.93
CA ASP B 90 -0.85 -6.33 -13.57
C ASP B 90 -1.17 -7.63 -12.81
N ARG B 91 -0.68 -8.76 -13.31
CA ARG B 91 -0.63 -10.00 -12.54
C ARG B 91 0.83 -10.49 -12.54
N GLY B 92 1.13 -11.52 -11.75
CA GLY B 92 2.47 -12.13 -11.72
C GLY B 92 3.54 -11.24 -11.11
N ILE B 93 4.75 -11.27 -11.68
CA ILE B 93 5.78 -10.34 -11.18
C ILE B 93 6.39 -9.34 -12.18
N ILE B 94 6.92 -9.85 -13.28
CA ILE B 94 7.69 -9.06 -14.22
C ILE B 94 6.84 -7.89 -14.69
N PHE B 95 5.63 -8.20 -15.16
CA PHE B 95 4.80 -7.20 -15.83
C PHE B 95 3.68 -6.67 -14.96
N ASN B 96 3.88 -6.65 -13.65
CA ASN B 96 2.79 -6.10 -12.84
C ASN B 96 3.02 -4.88 -11.98
N ASN B 97 2.17 -3.90 -12.24
CA ASN B 97 2.23 -2.54 -11.72
C ASN B 97 1.04 -2.26 -10.78
N GLY B 98 0.37 -3.33 -10.37
CA GLY B 98 -0.80 -3.23 -9.49
C GLY B 98 -0.53 -3.70 -8.06
N PRO B 99 -1.58 -3.69 -7.20
CA PRO B 99 -1.53 -4.06 -5.76
C PRO B 99 -1.02 -5.48 -5.45
N THR B 100 -1.17 -6.38 -6.40
CA THR B 100 -0.74 -7.77 -6.28
C THR B 100 0.79 -8.00 -6.38
N TRP B 101 1.56 -6.97 -6.76
CA TRP B 101 2.99 -7.17 -7.06
C TRP B 101 3.83 -7.56 -5.85
N LYS B 102 3.76 -6.74 -4.80
CA LYS B 102 4.69 -6.82 -3.67
C LYS B 102 4.69 -8.20 -3.00
N ASP B 103 3.48 -8.72 -2.76
CA ASP B 103 3.29 -9.97 -2.01
C ASP B 103 3.56 -11.21 -2.84
N ILE B 104 3.17 -11.17 -4.13
CA ILE B 104 3.46 -12.28 -5.02
C ILE B 104 4.98 -12.41 -5.19
N ARG B 105 5.64 -11.26 -5.40
CA ARG B 105 7.10 -11.22 -5.49
C ARG B 105 7.78 -11.77 -4.23
N ARG B 106 7.39 -11.28 -3.05
CA ARG B 106 8.01 -11.73 -1.79
C ARG B 106 7.81 -13.23 -1.56
N PHE B 107 6.62 -13.75 -1.85
CA PHE B 107 6.38 -15.19 -1.71
C PHE B 107 7.24 -16.00 -2.67
N SER B 108 7.26 -15.58 -3.94
CA SER B 108 8.07 -16.21 -4.99
C SER B 108 9.55 -16.27 -4.64
N LEU B 109 10.05 -15.18 -4.04
CA LEU B 109 11.45 -15.10 -3.67
C LEU B 109 11.77 -16.02 -2.49
N THR B 110 10.86 -16.12 -1.53
CA THR B 110 11.01 -17.05 -0.42
C THR B 110 11.05 -18.49 -0.96
N THR B 111 10.10 -18.82 -1.82
CA THR B 111 10.03 -20.15 -2.43
C THR B 111 11.30 -20.50 -3.24
N LEU B 112 11.78 -19.57 -4.06
CA LEU B 112 13.04 -19.79 -4.79
C LEU B 112 14.22 -20.04 -3.83
N ARG B 113 14.24 -19.31 -2.71
CA ARG B 113 15.23 -19.56 -1.66
C ARG B 113 15.07 -20.94 -1.01
N ASN B 114 13.85 -21.29 -0.64
CA ASN B 114 13.53 -22.63 -0.12
C ASN B 114 14.03 -23.75 -1.04
N TYR B 115 13.94 -23.53 -2.36
CA TYR B 115 14.33 -24.53 -3.36
C TYR B 115 15.82 -24.55 -3.71
N GLY B 116 16.59 -23.60 -3.19
CA GLY B 116 18.04 -23.65 -3.35
C GLY B 116 18.69 -22.29 -3.48
N LYS B 119 22.46 -22.57 -0.24
CA LYS B 119 21.60 -23.72 -0.46
C LYS B 119 22.24 -24.70 -1.44
N GLN B 120 22.59 -25.87 -0.94
CA GLN B 120 23.20 -26.91 -1.78
C GLN B 120 22.21 -27.45 -2.81
N GLY B 121 20.98 -26.97 -2.74
CA GLY B 121 19.93 -27.40 -3.68
C GLY B 121 19.98 -26.86 -5.10
N ASN B 122 20.33 -25.59 -5.27
CA ASN B 122 20.56 -25.00 -6.60
C ASN B 122 21.85 -25.53 -7.25
N GLU B 123 22.93 -25.58 -6.47
CA GLU B 123 24.20 -26.16 -6.93
C GLU B 123 24.03 -27.61 -7.41
N SER B 124 23.35 -28.41 -6.57
CA SER B 124 23.05 -29.81 -6.89
C SER B 124 22.20 -29.92 -8.19
N ARG B 125 21.12 -29.13 -8.25
CA ARG B 125 20.23 -29.05 -9.41
C ARG B 125 20.95 -28.70 -10.73
N ILE B 126 21.89 -27.76 -10.65
CA ILE B 126 22.66 -27.30 -11.81
C ILE B 126 23.69 -28.35 -12.27
N GLN B 127 24.41 -28.94 -11.29
CA GLN B 127 25.42 -29.99 -11.53
C GLN B 127 24.80 -31.21 -12.19
N ARG B 128 23.61 -31.57 -11.76
CA ARG B 128 22.87 -32.68 -12.38
C ARG B 128 22.51 -32.33 -13.82
N GLU B 129 22.06 -31.11 -14.06
CA GLU B 129 21.74 -30.70 -15.44
C GLU B 129 22.98 -30.66 -16.32
N ALA B 130 24.11 -30.25 -15.75
CA ALA B 130 25.38 -30.25 -16.46
C ALA B 130 25.71 -31.63 -17.03
N HIS B 131 25.20 -32.69 -16.40
CA HIS B 131 25.38 -34.04 -16.93
C HIS B 131 24.67 -34.21 -18.28
N PHE B 132 23.44 -33.71 -18.40
CA PHE B 132 22.69 -33.83 -19.67
C PHE B 132 23.18 -32.84 -20.72
N LEU B 133 23.64 -31.68 -20.28
CA LEU B 133 24.25 -30.73 -21.20
C LEU B 133 25.53 -31.32 -21.80
N LEU B 134 26.42 -31.80 -20.93
CA LEU B 134 27.69 -32.42 -21.35
C LEU B 134 27.46 -33.59 -22.32
N GLU B 135 26.43 -34.39 -22.01
CA GLU B 135 26.02 -35.54 -22.83
C GLU B 135 25.65 -35.15 -24.27
N ALA B 136 24.83 -34.10 -24.39
CA ALA B 136 24.35 -33.62 -25.67
C ALA B 136 25.46 -32.96 -26.47
N LEU B 137 26.37 -32.28 -25.79
CA LEU B 137 27.55 -31.69 -26.42
C LEU B 137 28.44 -32.79 -27.00
N ARG B 138 28.69 -33.83 -26.19
CA ARG B 138 29.44 -35.03 -26.62
C ARG B 138 28.80 -35.63 -27.88
N LYS B 139 27.47 -35.69 -27.88
CA LYS B 139 26.65 -36.24 -28.96
C LYS B 139 26.77 -35.51 -30.30
N THR B 140 27.26 -34.28 -30.30
CA THR B 140 27.38 -33.52 -31.55
C THR B 140 28.47 -34.07 -32.48
N GLN B 141 29.38 -34.85 -31.89
CA GLN B 141 30.45 -35.59 -32.59
C GLN B 141 31.40 -34.63 -33.30
N GLY B 142 31.82 -33.59 -32.56
CA GLY B 142 32.73 -32.54 -33.06
C GLY B 142 32.32 -31.93 -34.39
N GLN B 143 31.08 -32.18 -34.81
CA GLN B 143 30.51 -31.58 -36.01
C GLN B 143 29.87 -30.22 -35.69
N PRO B 144 29.65 -29.40 -36.74
CA PRO B 144 29.08 -28.09 -36.50
C PRO B 144 27.60 -28.15 -36.10
N PHE B 145 27.24 -27.26 -35.19
CA PHE B 145 25.88 -27.18 -34.67
C PHE B 145 25.56 -25.80 -34.19
N ASP B 146 24.28 -25.45 -34.29
CA ASP B 146 23.71 -24.26 -33.70
C ASP B 146 23.50 -24.53 -32.21
N PRO B 147 24.24 -23.82 -31.33
CA PRO B 147 24.17 -24.05 -29.88
C PRO B 147 22.89 -23.56 -29.19
N THR B 148 22.02 -22.85 -29.92
CA THR B 148 20.85 -22.15 -29.33
C THR B 148 19.90 -23.04 -28.53
N PHE B 149 19.49 -24.16 -29.13
CA PHE B 149 18.53 -25.04 -28.50
C PHE B 149 19.19 -26.30 -28.01
N LEU B 150 20.43 -26.15 -27.56
CA LEU B 150 21.17 -27.20 -26.89
C LEU B 150 21.61 -26.62 -25.52
N ILE B 151 22.40 -25.56 -25.57
CA ILE B 151 22.75 -24.75 -24.40
C ILE B 151 21.53 -24.31 -23.62
N GLY B 152 20.47 -23.90 -24.33
CA GLY B 152 19.25 -23.38 -23.73
C GLY B 152 18.45 -24.37 -22.88
N CYS B 153 18.64 -25.67 -23.14
CA CYS B 153 17.97 -26.74 -22.38
C CYS B 153 18.39 -26.75 -20.94
N ALA B 154 19.67 -26.49 -20.70
CA ALA B 154 20.25 -26.46 -19.37
C ALA B 154 19.52 -25.52 -18.40
N PRO B 155 19.51 -24.19 -18.65
CA PRO B 155 18.72 -23.32 -17.75
C PRO B 155 17.22 -23.57 -17.78
N CYS B 156 16.71 -23.94 -18.96
CA CYS B 156 15.27 -24.26 -19.12
C CYS B 156 14.85 -25.48 -18.27
N ASN B 157 15.67 -26.53 -18.26
CA ASN B 157 15.43 -27.65 -17.34
C ASN B 157 15.53 -27.31 -15.87
N VAL B 158 16.45 -26.41 -15.51
CA VAL B 158 16.67 -26.04 -14.10
C VAL B 158 15.48 -25.29 -13.53
N ILE B 159 14.98 -24.31 -14.28
CA ILE B 159 13.79 -23.59 -13.86
C ILE B 159 12.59 -24.53 -13.86
N ALA B 160 12.54 -25.43 -14.84
CA ALA B 160 11.48 -26.47 -14.92
C ALA B 160 11.48 -27.45 -13.75
N ASP B 161 12.65 -27.78 -13.23
CA ASP B 161 12.70 -28.63 -12.03
C ASP B 161 12.12 -27.89 -10.83
N ILE B 162 12.43 -26.60 -10.73
CA ILE B 162 11.95 -25.71 -9.64
C ILE B 162 10.44 -25.47 -9.71
N LEU B 163 9.94 -25.28 -10.93
CA LEU B 163 8.60 -24.77 -11.12
C LEU B 163 7.59 -25.91 -11.18
N PHE B 164 7.91 -26.97 -11.93
CA PHE B 164 6.99 -28.08 -12.20
C PHE B 164 7.44 -29.46 -11.70
N ARG B 165 8.58 -29.56 -11.02
CA ARG B 165 9.31 -30.83 -10.81
C ARG B 165 9.47 -31.68 -12.09
N LYS B 166 9.45 -31.00 -13.24
CA LYS B 166 9.55 -31.69 -14.54
C LYS B 166 10.92 -31.56 -15.18
N HIS B 167 11.33 -32.64 -15.83
CA HIS B 167 12.56 -32.67 -16.60
C HIS B 167 12.27 -33.11 -18.03
N PHE B 168 12.84 -32.38 -18.98
CA PHE B 168 12.63 -32.63 -20.39
C PHE B 168 13.86 -33.25 -21.04
N ASP B 169 13.62 -34.15 -21.99
CA ASP B 169 14.66 -34.63 -22.90
C ASP B 169 15.05 -33.49 -23.86
N TYR B 170 16.29 -33.51 -24.34
CA TYR B 170 16.80 -32.38 -25.16
C TYR B 170 16.19 -32.31 -26.57
N ASN B 171 15.45 -33.34 -26.97
CA ASN B 171 14.58 -33.24 -28.17
C ASN B 171 13.13 -33.68 -28.02
N ASP B 172 12.57 -33.50 -26.82
CA ASP B 172 11.13 -33.49 -26.66
C ASP B 172 10.63 -32.29 -27.46
N GLU B 173 9.63 -32.52 -28.31
CA GLU B 173 9.15 -31.49 -29.20
C GLU B 173 8.47 -30.31 -28.47
N LYS B 174 7.81 -30.57 -27.33
CA LYS B 174 7.23 -29.48 -26.52
C LYS B 174 8.30 -28.60 -25.81
N PHE B 175 9.35 -29.25 -25.33
CA PHE B 175 10.53 -28.59 -24.79
C PHE B 175 11.12 -27.63 -25.83
N LEU B 176 11.34 -28.15 -27.04
CA LEU B 176 11.89 -27.36 -28.13
C LEU B 176 10.99 -26.18 -28.54
N ARG B 177 9.70 -26.47 -28.66
CA ARG B 177 8.71 -25.45 -28.96
C ARG B 177 8.72 -24.27 -27.97
N LEU B 178 8.79 -24.58 -26.68
CA LEU B 178 8.74 -23.57 -25.60
C LEU B 178 9.96 -22.64 -25.67
N MET B 179 11.12 -23.27 -25.81
CA MET B 179 12.39 -22.57 -26.02
C MET B 179 12.37 -21.72 -27.28
N TYR B 180 11.69 -22.22 -28.31
CA TYR B 180 11.60 -21.52 -29.58
C TYR B 180 10.82 -20.23 -29.40
N LEU B 181 9.71 -20.32 -28.66
CA LEU B 181 8.87 -19.16 -28.41
C LEU B 181 9.56 -18.12 -27.52
N PHE B 182 10.29 -18.57 -26.49
CA PHE B 182 11.07 -17.70 -25.61
C PHE B 182 12.11 -16.91 -26.43
N ASN B 183 12.86 -17.64 -27.24
CA ASN B 183 13.90 -17.12 -28.12
C ASN B 183 13.30 -16.14 -29.10
N GLU B 184 12.21 -16.55 -29.75
CA GLU B 184 11.49 -15.68 -30.67
C GLU B 184 11.02 -14.36 -30.06
N ASN B 185 10.36 -14.44 -28.89
CA ASN B 185 9.93 -13.25 -28.15
C ASN B 185 11.09 -12.31 -27.77
N PHE B 186 12.13 -12.86 -27.10
CA PHE B 186 13.32 -12.07 -26.74
C PHE B 186 13.88 -11.32 -27.96
N HIS B 187 13.87 -11.98 -29.12
CA HIS B 187 14.34 -11.49 -30.42
C HIS B 187 13.47 -10.36 -30.98
N LEU B 188 12.17 -10.61 -31.07
CA LEU B 188 11.24 -9.66 -31.69
C LEU B 188 11.10 -8.41 -30.86
N LEU B 189 11.08 -8.58 -29.54
CA LEU B 189 11.08 -7.46 -28.60
C LEU B 189 12.30 -6.54 -28.75
N SER B 190 13.38 -7.06 -29.34
CA SER B 190 14.60 -6.31 -29.54
C SER B 190 14.65 -5.64 -30.95
N THR B 191 13.56 -5.77 -31.73
CA THR B 191 13.52 -5.27 -33.12
C THR B 191 12.76 -3.93 -33.26
N PRO B 192 13.10 -3.15 -34.31
CA PRO B 192 12.48 -1.83 -34.44
C PRO B 192 10.93 -1.78 -34.38
N TRP B 193 10.25 -2.73 -35.00
CA TRP B 193 8.78 -2.69 -35.09
C TRP B 193 8.14 -2.85 -33.72
N LEU B 194 8.67 -3.77 -32.91
CA LEU B 194 8.17 -3.89 -31.55
C LEU B 194 8.40 -2.62 -30.70
N GLN B 195 9.54 -1.96 -30.93
CA GLN B 195 9.84 -0.72 -30.23
C GLN B 195 8.80 0.34 -30.53
N LEU B 196 8.37 0.38 -31.79
CA LEU B 196 7.32 1.29 -32.23
C LEU B 196 5.95 0.87 -31.64
N TYR B 197 5.63 -0.41 -31.74
CA TYR B 197 4.36 -0.93 -31.24
C TYR B 197 4.16 -0.61 -29.76
N ASN B 198 5.19 -0.86 -28.96
CA ASN B 198 5.07 -0.79 -27.52
C ASN B 198 4.83 0.66 -27.00
N ASN B 199 5.10 1.65 -27.86
CA ASN B 199 4.75 3.05 -27.60
C ASN B 199 3.59 3.63 -28.42
N PHE B 200 3.16 2.94 -29.47
CA PHE B 200 1.96 3.34 -30.23
C PHE B 200 0.92 2.17 -30.35
N PRO B 201 0.59 1.51 -29.22
CA PRO B 201 -0.19 0.28 -29.30
C PRO B 201 -1.63 0.49 -29.78
N SER B 202 -2.23 1.64 -29.46
CA SER B 202 -3.57 2.02 -29.96
C SER B 202 -3.63 1.99 -31.48
N PHE B 203 -2.70 2.74 -32.11
CA PHE B 203 -2.62 2.95 -33.56
C PHE B 203 -2.26 1.72 -34.38
N LEU B 204 -1.53 0.79 -33.78
CA LEU B 204 -0.81 -0.27 -34.51
C LEU B 204 -1.29 -1.69 -34.27
N HIS B 205 -1.92 -1.96 -33.13
CA HIS B 205 -2.26 -3.34 -32.68
C HIS B 205 -2.97 -4.16 -33.73
N TYR B 206 -3.95 -3.52 -34.37
CA TYR B 206 -4.83 -4.16 -35.33
C TYR B 206 -4.37 -3.97 -36.78
N LEU B 207 -3.11 -3.56 -36.95
CA LEU B 207 -2.47 -3.66 -38.25
C LEU B 207 -1.74 -5.02 -38.31
N PRO B 208 -1.40 -5.49 -39.51
CA PRO B 208 -0.47 -6.64 -39.60
C PRO B 208 0.93 -6.31 -39.04
N GLY B 209 1.65 -7.34 -38.58
CA GLY B 209 3.03 -7.17 -38.12
C GLY B 209 3.52 -8.13 -37.07
N SER B 210 4.83 -8.06 -36.82
CA SER B 210 5.58 -8.73 -35.74
C SER B 210 4.91 -8.76 -34.37
N HIS B 211 4.30 -7.63 -33.97
CA HIS B 211 3.58 -7.57 -32.70
C HIS B 211 2.61 -8.75 -32.52
N ARG B 212 1.95 -9.15 -33.61
CA ARG B 212 1.02 -10.29 -33.56
C ARG B 212 1.69 -11.61 -33.21
N LYS B 213 2.83 -11.90 -33.84
CA LYS B 213 3.63 -13.04 -33.44
C LYS B 213 3.95 -13.05 -31.92
N VAL B 214 4.42 -11.94 -31.37
CA VAL B 214 4.73 -11.85 -29.94
C VAL B 214 3.51 -12.19 -29.08
N ILE B 215 2.41 -11.48 -29.30
CA ILE B 215 1.13 -11.69 -28.61
C ILE B 215 0.69 -13.14 -28.73
N LYS B 216 0.62 -13.66 -29.96
CA LYS B 216 0.30 -15.08 -30.20
C LYS B 216 1.26 -16.03 -29.47
N ASN B 217 2.58 -15.76 -29.54
CA ASN B 217 3.61 -16.52 -28.79
C ASN B 217 3.41 -16.49 -27.27
N VAL B 218 3.09 -15.32 -26.74
CA VAL B 218 2.85 -15.18 -25.31
C VAL B 218 1.67 -16.07 -24.92
N ALA B 219 0.54 -15.82 -25.55
CA ALA B 219 -0.66 -16.66 -25.41
C ALA B 219 -0.38 -18.20 -25.33
N GLU B 220 0.43 -18.71 -26.27
CA GLU B 220 0.80 -20.13 -26.37
C GLU B 220 1.59 -20.61 -25.14
N VAL B 221 2.42 -19.73 -24.58
CA VAL B 221 3.17 -20.04 -23.37
C VAL B 221 2.26 -20.13 -22.15
N LYS B 222 1.39 -19.13 -21.97
CA LYS B 222 0.33 -19.16 -20.96
C LYS B 222 -0.57 -20.40 -21.09
N GLU B 223 -0.97 -20.73 -22.31
CA GLU B 223 -1.64 -22.00 -22.60
C GLU B 223 -0.89 -23.18 -21.92
N TYR B 224 0.38 -23.36 -22.28
CA TYR B 224 1.19 -24.49 -21.75
C TYR B 224 1.32 -24.49 -20.23
N VAL B 225 1.54 -23.31 -19.66
CA VAL B 225 1.69 -23.14 -18.22
C VAL B 225 0.34 -23.38 -17.50
N SER B 226 -0.73 -22.79 -18.05
CA SER B 226 -2.13 -22.98 -17.62
C SER B 226 -2.48 -24.44 -17.35
N GLU B 227 -2.22 -25.28 -18.35
CA GLU B 227 -2.45 -26.73 -18.24
C GLU B 227 -1.61 -27.41 -17.14
N ARG B 228 -0.35 -27.00 -17.01
CA ARG B 228 0.54 -27.53 -15.97
C ARG B 228 0.08 -27.14 -14.56
N VAL B 229 -0.52 -25.96 -14.47
CA VAL B 229 -1.11 -25.43 -13.24
C VAL B 229 -2.43 -26.14 -12.86
N LYS B 230 -3.30 -26.37 -13.84
CA LYS B 230 -4.56 -27.09 -13.63
C LYS B 230 -4.28 -28.52 -13.13
N GLU B 231 -3.37 -29.21 -13.83
CA GLU B 231 -2.89 -30.55 -13.47
C GLU B 231 -2.36 -30.63 -12.03
N HIS B 232 -1.65 -29.59 -11.61
CA HIS B 232 -1.16 -29.48 -10.22
C HIS B 232 -2.32 -29.41 -9.21
N HIS B 233 -3.29 -28.54 -9.47
CA HIS B 233 -4.48 -28.35 -8.63
C HIS B 233 -5.25 -29.65 -8.40
N GLN B 234 -5.64 -30.29 -9.50
CA GLN B 234 -6.44 -31.51 -9.47
C GLN B 234 -5.73 -32.69 -8.75
N SER B 235 -4.39 -32.68 -8.79
CA SER B 235 -3.56 -33.71 -8.15
C SER B 235 -2.80 -33.21 -6.91
N LEU B 236 -3.22 -32.06 -6.38
CA LEU B 236 -2.51 -31.39 -5.28
C LEU B 236 -2.60 -32.10 -3.93
N ASP B 237 -1.51 -32.01 -3.16
CA ASP B 237 -1.48 -32.40 -1.74
C ASP B 237 -0.83 -31.25 -0.94
N PRO B 238 -1.65 -30.39 -0.30
CA PRO B 238 -1.21 -29.22 0.49
C PRO B 238 -0.20 -29.52 1.60
N ASN B 239 -0.10 -30.79 2.00
CA ASN B 239 0.87 -31.20 3.02
C ASN B 239 2.02 -31.94 2.37
N CYS B 240 2.23 -31.65 1.09
CA CYS B 240 3.26 -32.29 0.25
C CYS B 240 3.45 -31.55 -1.10
N PRO B 241 3.90 -30.27 -1.07
CA PRO B 241 4.10 -29.53 -2.31
C PRO B 241 5.34 -30.02 -3.07
N ARG B 242 5.15 -30.44 -4.32
CA ARG B 242 6.26 -30.96 -5.14
C ARG B 242 7.17 -29.87 -5.70
N ASP B 243 6.71 -28.61 -5.68
CA ASP B 243 7.37 -27.50 -6.38
C ASP B 243 6.71 -26.12 -6.15
N LEU B 244 7.34 -25.08 -6.68
CA LEU B 244 6.85 -23.71 -6.61
C LEU B 244 5.39 -23.59 -7.08
N THR B 245 5.03 -24.31 -8.14
CA THR B 245 3.67 -24.30 -8.64
C THR B 245 2.70 -24.87 -7.58
N ASP B 246 3.12 -25.93 -6.89
CA ASP B 246 2.35 -26.44 -5.76
C ASP B 246 2.23 -25.39 -4.66
N CYS B 247 3.34 -24.72 -4.35
CA CYS B 247 3.40 -23.71 -3.30
C CYS B 247 2.43 -22.55 -3.48
N LEU B 248 2.31 -22.03 -4.70
CA LEU B 248 1.39 -20.92 -4.96
C LEU B 248 -0.06 -21.38 -4.83
N LEU B 249 -0.32 -22.64 -5.16
CA LEU B 249 -1.65 -23.21 -5.08
C LEU B 249 -2.13 -23.43 -3.63
N VAL B 250 -1.22 -23.89 -2.78
CA VAL B 250 -1.49 -24.01 -1.34
C VAL B 250 -1.82 -22.62 -0.78
N GLU B 251 -1.06 -21.62 -1.24
CA GLU B 251 -1.25 -20.22 -0.86
C GLU B 251 -2.56 -19.63 -1.38
N MET B 252 -3.11 -20.23 -2.43
CA MET B 252 -4.40 -19.85 -2.99
C MET B 252 -5.55 -20.63 -2.32
N GLU B 253 -5.23 -21.82 -1.82
CA GLU B 253 -6.19 -22.69 -1.14
C GLU B 253 -6.45 -22.20 0.29
N LYS B 254 -5.54 -21.38 0.80
CA LYS B 254 -5.63 -20.79 2.14
C LYS B 254 -6.57 -19.63 2.22
N GLU B 255 -6.65 -18.86 1.18
CA GLU B 255 -7.41 -17.67 1.27
C GLU B 255 -8.69 -17.80 0.48
N LYS B 256 -9.08 -19.02 0.16
CA LYS B 256 -10.27 -19.23 -0.64
C LYS B 256 -11.52 -18.62 -0.02
N HIS B 257 -11.43 -18.38 1.28
CA HIS B 257 -12.52 -17.84 2.07
C HIS B 257 -12.30 -16.39 2.53
N SER B 258 -11.32 -15.71 1.95
CA SER B 258 -11.08 -14.31 2.19
C SER B 258 -11.90 -13.44 1.27
N ALA B 259 -12.14 -12.22 1.69
CA ALA B 259 -12.81 -11.24 0.82
C ALA B 259 -11.79 -10.70 -0.17
N GLU B 260 -10.57 -10.53 0.30
CA GLU B 260 -9.46 -10.01 -0.51
C GLU B 260 -8.44 -11.10 -0.82
N ARG B 261 -8.43 -11.52 -2.08
CA ARG B 261 -7.49 -12.52 -2.58
C ARG B 261 -6.53 -11.82 -3.54
N LEU B 262 -5.26 -12.21 -3.49
CA LEU B 262 -4.31 -11.73 -4.48
C LEU B 262 -4.00 -12.81 -5.52
N TYR B 263 -4.12 -14.08 -5.11
CA TYR B 263 -3.96 -15.22 -6.00
C TYR B 263 -5.22 -15.63 -6.76
N THR B 264 -5.15 -15.60 -8.09
CA THR B 264 -6.11 -16.30 -8.95
C THR B 264 -5.38 -17.39 -9.75
N MET B 265 -6.15 -18.30 -10.33
CA MET B 265 -5.64 -19.31 -11.25
C MET B 265 -4.92 -18.69 -12.47
N ASP B 266 -5.44 -17.53 -12.90
CA ASP B 266 -4.81 -16.73 -13.95
C ASP B 266 -3.47 -16.11 -13.46
N GLY B 267 -3.53 -15.45 -12.31
CA GLY B 267 -2.37 -14.77 -11.73
C GLY B 267 -1.18 -15.67 -11.49
N ILE B 268 -1.46 -16.94 -11.33
CA ILE B 268 -0.49 -17.96 -10.98
C ILE B 268 0.18 -18.52 -12.21
N THR B 269 -0.54 -18.62 -13.31
CA THR B 269 0.11 -19.00 -14.53
C THR B 269 0.90 -17.83 -15.09
N VAL B 270 0.44 -16.60 -14.89
CA VAL B 270 1.24 -15.47 -15.21
C VAL B 270 2.51 -15.52 -14.38
N THR B 271 2.36 -15.84 -13.12
CA THR B 271 3.49 -15.84 -12.18
C THR B 271 4.52 -16.87 -12.62
N VAL B 272 4.05 -18.09 -12.84
CA VAL B 272 4.89 -19.20 -13.27
C VAL B 272 5.45 -19.02 -14.70
N ALA B 273 4.63 -18.52 -15.62
CA ALA B 273 5.04 -18.25 -17.01
C ALA B 273 6.09 -17.15 -17.08
N ASP B 274 6.02 -16.18 -16.15
CA ASP B 274 7.07 -15.20 -15.92
C ASP B 274 8.40 -15.84 -15.57
N LEU B 275 8.39 -16.77 -14.63
CA LEU B 275 9.61 -17.39 -14.10
C LEU B 275 10.19 -18.41 -15.07
N PHE B 276 9.31 -19.03 -15.85
CA PHE B 276 9.69 -19.96 -16.91
C PHE B 276 10.48 -19.20 -18.01
N PHE B 277 9.89 -18.13 -18.57
CA PHE B 277 10.54 -17.29 -19.58
C PHE B 277 11.89 -16.72 -19.12
N ALA B 278 11.85 -15.93 -18.06
CA ALA B 278 13.01 -15.24 -17.53
C ALA B 278 14.09 -16.21 -17.00
N GLY B 279 13.64 -17.32 -16.40
CA GLY B 279 14.53 -18.35 -15.90
C GLY B 279 15.34 -18.96 -17.01
N THR B 280 14.75 -19.02 -18.21
CA THR B 280 15.36 -19.64 -19.38
C THR B 280 16.16 -18.67 -20.30
N GLU B 281 15.55 -17.54 -20.63
CA GLU B 281 15.96 -16.83 -21.83
C GLU B 281 17.25 -16.03 -21.71
N THR B 282 17.42 -15.33 -20.60
CA THR B 282 18.58 -14.46 -20.41
C THR B 282 19.89 -15.24 -20.10
N THR B 283 19.77 -16.34 -19.35
CA THR B 283 20.88 -17.24 -19.07
C THR B 283 21.35 -17.92 -20.35
N SER B 284 20.43 -18.57 -21.06
CA SER B 284 20.73 -19.16 -22.37
C SER B 284 21.52 -18.19 -23.27
N THR B 285 20.95 -17.02 -23.48
CA THR B 285 21.57 -15.97 -24.31
C THR B 285 22.96 -15.56 -23.78
N THR B 286 23.07 -15.36 -22.46
CA THR B 286 24.35 -14.98 -21.83
C THR B 286 25.47 -16.01 -22.12
N LEU B 287 25.15 -17.30 -21.94
CA LEU B 287 26.06 -18.42 -22.20
C LEU B 287 26.46 -18.53 -23.65
N ARG B 288 25.47 -18.44 -24.54
CA ARG B 288 25.69 -18.58 -25.97
C ARG B 288 26.52 -17.42 -26.53
N TYR B 289 26.24 -16.20 -26.08
CA TYR B 289 27.09 -15.03 -26.31
C TYR B 289 28.52 -15.23 -25.75
N GLY B 290 28.59 -15.74 -24.52
CA GLY B 290 29.85 -16.09 -23.87
C GLY B 290 30.72 -17.05 -24.67
N LEU B 291 30.11 -18.08 -25.22
CA LEU B 291 30.86 -19.06 -26.01
C LEU B 291 31.44 -18.42 -27.28
N LEU B 292 30.65 -17.54 -27.90
CA LEU B 292 31.09 -16.78 -29.10
C LEU B 292 32.25 -15.81 -28.83
N ILE B 293 32.25 -15.22 -27.64
CA ILE B 293 33.26 -14.32 -27.18
C ILE B 293 34.57 -15.08 -26.91
N LEU B 294 34.44 -16.22 -26.23
CA LEU B 294 35.60 -17.06 -25.93
C LEU B 294 36.30 -17.48 -27.21
N MET B 295 35.50 -17.79 -28.22
CA MET B 295 36.00 -18.20 -29.54
C MET B 295 36.71 -17.09 -30.35
N LYS B 296 36.34 -15.83 -30.09
CA LYS B 296 37.05 -14.67 -30.65
C LYS B 296 38.44 -14.52 -30.01
N TYR B 297 38.54 -14.93 -28.74
CA TYR B 297 39.75 -14.71 -27.97
C TYR B 297 40.30 -16.04 -27.46
N PRO B 298 41.03 -16.75 -28.34
CA PRO B 298 41.60 -18.07 -28.10
C PRO B 298 42.54 -18.07 -26.89
N GLU B 299 43.29 -16.99 -26.69
CA GLU B 299 44.17 -16.92 -25.54
C GLU B 299 43.43 -16.88 -24.20
N ILE B 300 42.30 -16.19 -24.15
CA ILE B 300 41.47 -16.17 -22.93
C ILE B 300 40.88 -17.55 -22.60
N GLU B 301 40.46 -18.29 -23.62
CA GLU B 301 39.92 -19.63 -23.39
C GLU B 301 41.00 -20.58 -22.86
N GLU B 302 42.23 -20.43 -23.38
CA GLU B 302 43.37 -21.23 -22.92
C GLU B 302 43.65 -20.96 -21.45
N LYS B 303 43.81 -19.68 -21.09
CA LYS B 303 43.96 -19.30 -19.68
C LYS B 303 42.87 -20.00 -18.83
N LEU B 304 41.63 -19.97 -19.31
CA LEU B 304 40.48 -20.64 -18.68
C LEU B 304 40.68 -22.16 -18.48
N HIS B 305 41.19 -22.85 -19.51
CA HIS B 305 41.50 -24.28 -19.42
C HIS B 305 42.59 -24.55 -18.36
N GLU B 306 43.68 -23.78 -18.42
CA GLU B 306 44.78 -23.90 -17.46
C GLU B 306 44.28 -23.90 -16.01
N GLU B 307 43.36 -22.97 -15.73
CA GLU B 307 42.79 -22.77 -14.41
C GLU B 307 41.87 -23.94 -13.98
N ILE B 308 41.00 -24.39 -14.88
CA ILE B 308 40.10 -25.53 -14.62
C ILE B 308 40.89 -26.81 -14.31
N ASP B 309 41.85 -27.15 -15.17
CA ASP B 309 42.77 -28.30 -14.99
C ASP B 309 43.51 -28.27 -13.66
N ARG B 310 43.72 -27.07 -13.13
CA ARG B 310 44.53 -26.85 -11.92
C ARG B 310 43.71 -26.91 -10.62
N VAL B 311 42.52 -26.32 -10.64
CA VAL B 311 41.71 -26.21 -9.43
C VAL B 311 40.73 -27.39 -9.29
N ILE B 312 40.01 -27.68 -10.36
CA ILE B 312 39.05 -28.79 -10.38
C ILE B 312 39.68 -30.04 -11.04
N GLY B 313 40.65 -29.83 -11.91
CA GLY B 313 41.17 -30.92 -12.74
C GLY B 313 40.16 -31.41 -13.77
N PRO B 314 40.57 -32.41 -14.58
CA PRO B 314 39.77 -32.91 -15.71
C PRO B 314 38.49 -33.73 -15.41
N SER B 315 38.15 -34.01 -14.16
CA SER B 315 37.00 -34.92 -13.94
C SER B 315 35.93 -34.56 -12.88
N ARG B 316 36.33 -33.89 -11.80
CA ARG B 316 35.40 -33.60 -10.72
C ARG B 316 34.32 -32.65 -11.24
N ILE B 317 33.08 -32.87 -10.84
CA ILE B 317 31.98 -31.95 -11.18
C ILE B 317 32.31 -30.59 -10.52
N PRO B 318 32.23 -29.49 -11.30
CA PRO B 318 32.49 -28.16 -10.70
C PRO B 318 31.52 -27.79 -9.59
N ALA B 319 31.99 -26.95 -8.68
CA ALA B 319 31.26 -26.58 -7.48
C ALA B 319 31.50 -25.10 -7.16
N ILE B 320 30.58 -24.50 -6.42
CA ILE B 320 30.61 -23.05 -6.15
C ILE B 320 31.75 -22.60 -5.24
N LYS B 321 32.26 -23.52 -4.42
CA LYS B 321 33.46 -23.30 -3.62
C LYS B 321 34.67 -23.05 -4.53
N ASP B 322 34.70 -23.71 -5.69
CA ASP B 322 35.79 -23.55 -6.67
C ASP B 322 35.99 -22.11 -7.17
N ARG B 323 34.95 -21.28 -7.08
CA ARG B 323 35.00 -19.89 -7.54
C ARG B 323 36.10 -19.05 -6.88
N GLN B 324 36.23 -19.17 -5.56
CA GLN B 324 37.20 -18.41 -4.77
C GLN B 324 38.66 -18.67 -5.16
N GLU B 325 38.95 -19.86 -5.65
CA GLU B 325 40.29 -20.20 -6.12
C GLU B 325 40.39 -19.99 -7.62
N MET B 326 39.27 -19.59 -8.22
CA MET B 326 39.20 -19.37 -9.67
C MET B 326 38.91 -17.90 -9.97
N PRO B 327 39.91 -17.03 -9.78
CA PRO B 327 39.66 -15.62 -10.01
C PRO B 327 39.52 -15.27 -11.50
N TYR B 328 40.20 -16.01 -12.40
CA TYR B 328 40.15 -15.69 -13.83
C TYR B 328 38.78 -16.03 -14.47
N MET B 329 38.22 -17.16 -14.08
CA MET B 329 36.88 -17.58 -14.47
C MET B 329 35.83 -16.65 -13.87
N ASP B 330 35.89 -16.44 -12.55
CA ASP B 330 35.01 -15.47 -11.89
C ASP B 330 34.97 -14.18 -12.71
N ALA B 331 36.15 -13.71 -13.14
CA ALA B 331 36.30 -12.45 -13.85
C ALA B 331 35.71 -12.50 -15.26
N VAL B 332 35.90 -13.63 -15.93
CA VAL B 332 35.38 -13.86 -17.28
C VAL B 332 33.85 -13.89 -17.27
N VAL B 333 33.30 -14.54 -16.25
CA VAL B 333 31.85 -14.70 -16.08
C VAL B 333 31.20 -13.33 -15.92
N HIS B 334 31.83 -12.49 -15.09
CA HIS B 334 31.40 -11.11 -14.89
C HIS B 334 31.58 -10.26 -16.14
N GLU B 335 32.71 -10.42 -16.81
CA GLU B 335 32.99 -9.65 -18.03
C GLU B 335 32.08 -10.07 -19.21
N ILE B 336 31.66 -11.34 -19.28
CA ILE B 336 30.65 -11.70 -20.29
C ILE B 336 29.37 -10.86 -20.08
N GLN B 337 28.85 -10.83 -18.85
CA GLN B 337 27.62 -10.08 -18.50
C GLN B 337 27.73 -8.56 -18.68
N ARG B 338 28.79 -7.96 -18.12
CA ARG B 338 29.10 -6.53 -18.33
C ARG B 338 29.12 -6.21 -19.84
N PHE B 339 29.99 -6.90 -20.58
CA PHE B 339 30.23 -6.64 -22.01
C PHE B 339 29.00 -6.66 -22.95
N ILE B 340 28.15 -7.68 -22.79
CA ILE B 340 27.00 -7.85 -23.67
C ILE B 340 25.79 -6.96 -23.32
N THR B 341 25.81 -6.31 -22.15
CA THR B 341 24.67 -5.47 -21.68
C THR B 341 23.30 -6.03 -22.14
N LEU B 342 22.97 -7.23 -21.65
CA LEU B 342 21.88 -8.03 -22.24
C LEU B 342 20.49 -7.38 -22.18
N VAL B 343 20.24 -6.62 -21.11
CA VAL B 343 18.99 -5.86 -20.95
C VAL B 343 19.43 -4.40 -20.81
N PRO B 344 19.68 -3.78 -21.95
CA PRO B 344 20.48 -2.57 -22.07
C PRO B 344 19.84 -1.29 -21.48
N SER B 345 18.54 -1.21 -21.58
CA SER B 345 17.75 -0.21 -20.96
C SER B 345 17.02 -0.66 -19.71
N ASN B 346 17.38 -1.77 -19.15
CA ASN B 346 16.64 -2.32 -18.03
C ASN B 346 15.23 -2.70 -18.45
N LEU B 347 14.40 -3.01 -17.49
CA LEU B 347 12.97 -3.00 -17.71
C LEU B 347 12.38 -1.66 -17.23
N PRO B 348 11.29 -1.19 -17.88
CA PRO B 348 10.90 0.18 -17.63
C PRO B 348 10.24 0.26 -16.27
N HIS B 349 10.54 1.32 -15.52
CA HIS B 349 9.91 1.52 -14.23
C HIS B 349 8.81 2.54 -14.43
N GLU B 350 8.08 2.87 -13.36
CA GLU B 350 7.19 4.04 -13.35
C GLU B 350 7.13 4.66 -11.97
N ALA B 351 6.95 5.98 -11.93
CA ALA B 351 6.79 6.70 -10.68
C ALA B 351 5.41 6.40 -10.10
N THR B 352 5.43 5.83 -8.90
CA THR B 352 4.23 5.50 -8.14
C THR B 352 3.62 6.75 -7.49
N ARG B 353 4.44 7.79 -7.27
CA ARG B 353 4.01 9.07 -6.68
C ARG B 353 4.59 10.22 -7.47
N ASP B 354 3.86 11.34 -7.51
CA ASP B 354 4.45 12.65 -7.88
C ASP B 354 5.75 12.76 -7.10
N THR B 355 6.89 12.83 -7.79
CA THR B 355 8.19 12.79 -7.10
C THR B 355 9.10 13.97 -7.45
N ILE B 356 9.88 14.44 -6.49
CA ILE B 356 10.94 15.40 -6.82
C ILE B 356 12.28 14.65 -6.86
N PHE B 357 12.79 14.53 -8.08
CA PHE B 357 14.06 13.88 -8.33
C PHE B 357 15.06 14.95 -8.73
N ARG B 358 16.16 15.02 -7.99
CA ARG B 358 17.02 16.18 -7.98
C ARG B 358 16.11 17.40 -7.72
N GLY B 359 16.01 18.34 -8.66
CA GLY B 359 15.09 19.47 -8.44
C GLY B 359 13.85 19.39 -9.30
N TYR B 360 13.66 18.23 -9.90
CA TYR B 360 12.68 18.08 -10.96
C TYR B 360 11.45 17.34 -10.46
N LEU B 361 10.32 17.69 -11.03
CA LEU B 361 9.09 16.96 -10.82
C LEU B 361 8.97 15.84 -11.86
N ILE B 362 8.75 14.64 -11.35
CA ILE B 362 8.37 13.48 -12.14
C ILE B 362 6.93 13.13 -11.74
N PRO B 363 5.94 13.56 -12.53
CA PRO B 363 4.53 13.32 -12.17
C PRO B 363 4.19 11.84 -12.11
N LYS B 364 3.21 11.45 -11.30
CA LYS B 364 2.78 10.04 -11.15
C LYS B 364 2.54 9.33 -12.49
N GLY B 365 2.88 8.05 -12.57
CA GLY B 365 2.72 7.30 -13.81
C GLY B 365 3.68 7.63 -14.96
N THR B 366 4.69 8.46 -14.68
CA THR B 366 5.78 8.67 -15.65
C THR B 366 6.60 7.40 -15.79
N VAL B 367 6.93 7.01 -17.02
CA VAL B 367 7.90 5.91 -17.20
C VAL B 367 9.28 6.40 -16.79
N VAL B 368 9.95 5.59 -15.97
CA VAL B 368 11.30 5.93 -15.54
C VAL B 368 12.28 4.87 -16.06
N VAL B 369 13.32 5.30 -16.77
CA VAL B 369 14.25 4.35 -17.42
C VAL B 369 15.64 4.47 -16.82
N PRO B 370 15.94 3.60 -15.85
CA PRO B 370 17.29 3.57 -15.31
C PRO B 370 18.14 2.61 -16.14
N THR B 371 18.82 3.17 -17.13
CA THR B 371 19.53 2.43 -18.17
C THR B 371 20.74 1.70 -17.59
N LEU B 372 20.99 0.45 -18.02
CA LEU B 372 22.10 -0.34 -17.43
C LEU B 372 23.41 -0.30 -18.25
N ASP B 373 23.29 -0.23 -19.56
CA ASP B 373 24.47 -0.14 -20.42
C ASP B 373 25.34 1.07 -20.05
N SER B 374 24.70 2.18 -19.71
CA SER B 374 25.38 3.41 -19.27
C SER B 374 26.16 3.22 -17.96
N VAL B 375 25.80 2.20 -17.20
CA VAL B 375 26.49 1.85 -15.97
C VAL B 375 27.62 0.84 -16.32
N LEU B 376 27.25 -0.19 -17.08
CA LEU B 376 28.15 -1.31 -17.37
C LEU B 376 29.29 -0.87 -18.28
N TYR B 377 29.08 0.23 -19.00
CA TYR B 377 30.08 0.76 -19.91
C TYR B 377 30.71 2.06 -19.39
N ASP B 378 30.68 2.28 -18.08
CA ASP B 378 31.35 3.46 -17.51
C ASP B 378 32.86 3.42 -17.85
N ASN B 379 33.35 4.48 -18.48
CA ASN B 379 34.72 4.50 -19.01
C ASN B 379 35.82 4.74 -17.98
N GLN B 380 35.42 5.11 -16.76
CA GLN B 380 36.37 5.26 -15.66
C GLN B 380 36.46 3.97 -14.83
N GLU B 381 35.32 3.43 -14.44
CA GLU B 381 35.27 2.13 -13.77
C GLU B 381 35.86 1.03 -14.67
N PHE B 382 35.56 1.11 -15.96
CA PHE B 382 36.02 0.13 -16.89
C PHE B 382 36.76 0.77 -18.05
N PRO B 383 38.03 1.22 -17.81
CA PRO B 383 38.88 2.00 -18.73
C PRO B 383 38.70 1.82 -20.24
N ASP B 384 38.66 0.60 -20.76
CA ASP B 384 38.30 0.48 -22.20
C ASP B 384 36.96 -0.26 -22.37
N PRO B 385 35.84 0.42 -22.07
CA PRO B 385 34.56 -0.23 -21.80
C PRO B 385 33.96 -0.96 -23.00
N GLU B 386 34.32 -0.57 -24.21
CA GLU B 386 33.81 -1.23 -25.39
C GLU B 386 34.59 -2.54 -25.73
N LYS B 387 35.70 -2.80 -25.03
CA LYS B 387 36.52 -4.00 -25.27
C LYS B 387 36.24 -5.13 -24.27
N PHE B 388 36.26 -6.36 -24.74
CA PHE B 388 36.18 -7.51 -23.86
C PHE B 388 37.53 -7.77 -23.18
N LYS B 389 37.54 -7.64 -21.86
CA LYS B 389 38.75 -7.74 -21.06
C LYS B 389 38.42 -8.25 -19.68
N PRO B 390 38.80 -9.52 -19.41
CA PRO B 390 38.70 -10.09 -18.06
C PRO B 390 39.30 -9.18 -16.99
N GLU B 391 40.40 -8.48 -17.32
CA GLU B 391 41.09 -7.53 -16.42
C GLU B 391 40.17 -6.45 -15.82
N HIS B 392 39.04 -6.16 -16.50
CA HIS B 392 38.00 -5.30 -15.92
C HIS B 392 37.56 -5.82 -14.54
N PHE B 393 37.64 -7.13 -14.32
CA PHE B 393 37.25 -7.74 -13.04
C PHE B 393 38.42 -8.40 -12.26
N LEU B 394 39.61 -7.82 -12.39
CA LEU B 394 40.81 -8.28 -11.69
C LEU B 394 41.68 -7.10 -11.30
N ASN B 395 42.20 -7.07 -10.07
CA ASN B 395 43.30 -6.12 -9.86
C ASN B 395 44.65 -6.72 -10.21
N GLU B 396 45.69 -5.98 -9.85
CA GLU B 396 47.03 -6.13 -10.41
C GLU B 396 47.80 -7.36 -9.92
N ASN B 397 47.54 -7.86 -8.71
CA ASN B 397 47.81 -9.26 -8.38
C ASN B 397 46.50 -9.97 -8.64
N GLY B 398 46.49 -10.81 -9.65
CA GLY B 398 45.28 -11.29 -10.26
C GLY B 398 44.10 -11.86 -9.50
N LYS B 399 43.76 -11.22 -8.42
CA LYS B 399 42.62 -11.62 -7.62
C LYS B 399 41.35 -10.99 -8.20
N PHE B 400 40.20 -11.55 -7.89
CA PHE B 400 38.95 -10.99 -8.35
C PHE B 400 38.77 -9.58 -7.79
N LYS B 401 38.29 -8.66 -8.63
CA LYS B 401 37.94 -7.28 -8.24
C LYS B 401 36.45 -6.94 -8.44
N TYR B 402 35.74 -6.78 -7.33
CA TYR B 402 34.32 -6.38 -7.31
C TYR B 402 34.11 -4.95 -7.77
N SER B 403 32.96 -4.72 -8.40
CA SER B 403 32.55 -3.40 -8.85
C SER B 403 31.11 -3.05 -8.45
N ASP B 404 30.89 -1.85 -7.89
CA ASP B 404 29.51 -1.40 -7.66
C ASP B 404 28.79 -1.10 -8.99
N TYR B 405 29.55 -1.13 -10.08
CA TYR B 405 29.05 -0.86 -11.42
C TYR B 405 28.60 -2.12 -12.16
N PHE B 406 28.93 -3.28 -11.63
CA PHE B 406 28.37 -4.55 -12.15
C PHE B 406 26.88 -4.63 -11.74
N LYS B 407 26.00 -4.08 -12.58
CA LYS B 407 24.54 -4.06 -12.35
C LYS B 407 23.67 -4.65 -13.48
N PRO B 408 24.05 -5.81 -14.04
CA PRO B 408 23.25 -6.32 -15.18
C PRO B 408 21.90 -6.89 -14.77
N PHE B 409 21.70 -7.11 -13.47
CA PHE B 409 20.43 -7.59 -12.92
C PHE B 409 19.62 -6.44 -12.35
N SER B 410 20.16 -5.23 -12.50
CA SER B 410 19.59 -4.03 -11.92
C SER B 410 19.88 -4.02 -10.41
N THR B 411 19.13 -3.21 -9.67
CA THR B 411 19.21 -3.15 -8.21
C THR B 411 17.90 -2.56 -7.68
N GLY B 412 17.73 -2.53 -6.35
CA GLY B 412 16.56 -1.88 -5.76
C GLY B 412 15.34 -2.78 -5.58
N LYS B 413 14.15 -2.17 -5.59
CA LYS B 413 12.90 -2.90 -5.27
C LYS B 413 12.54 -3.97 -6.30
N ARG B 414 13.04 -3.82 -7.53
CA ARG B 414 12.67 -4.69 -8.61
C ARG B 414 13.85 -5.51 -9.16
N VAL B 415 14.96 -5.61 -8.40
CA VAL B 415 16.10 -6.46 -8.79
C VAL B 415 15.62 -7.81 -9.32
N CYS B 416 16.26 -8.25 -10.40
CA CYS B 416 16.02 -9.56 -10.98
C CYS B 416 15.66 -10.58 -9.91
N ALA B 417 14.48 -11.19 -10.05
CA ALA B 417 14.00 -12.18 -9.08
C ALA B 417 14.85 -13.47 -9.05
N GLY B 418 15.67 -13.67 -10.10
CA GLY B 418 16.48 -14.86 -10.21
C GLY B 418 17.97 -14.61 -10.28
N GLU B 419 18.40 -13.47 -9.75
CA GLU B 419 19.81 -13.12 -9.74
C GLU B 419 20.71 -14.25 -9.20
N GLY B 420 20.43 -14.73 -7.99
CA GLY B 420 21.18 -15.82 -7.34
C GLY B 420 21.39 -17.06 -8.20
N LEU B 421 20.28 -17.68 -8.61
CA LEU B 421 20.26 -18.77 -9.60
C LEU B 421 21.06 -18.49 -10.90
N ALA B 422 20.71 -17.41 -11.60
CA ALA B 422 21.41 -17.03 -12.85
C ALA B 422 22.95 -17.06 -12.71
N ARG B 423 23.51 -16.40 -11.71
CA ARG B 423 24.97 -16.38 -11.55
C ARG B 423 25.66 -17.71 -11.19
N MET B 424 25.02 -18.56 -10.42
CA MET B 424 25.63 -19.86 -10.22
C MET B 424 25.49 -20.80 -11.44
N GLU B 425 24.42 -20.59 -12.20
CA GLU B 425 24.25 -21.18 -13.53
C GLU B 425 25.37 -20.81 -14.51
N LEU B 426 25.66 -19.51 -14.64
CA LEU B 426 26.68 -19.04 -15.55
C LEU B 426 28.03 -19.65 -15.21
N PHE B 427 28.37 -19.64 -13.92
CA PHE B 427 29.67 -20.10 -13.45
C PHE B 427 29.83 -21.62 -13.52
N LEU B 428 28.83 -22.37 -13.05
CA LEU B 428 28.86 -23.83 -13.05
C LEU B 428 28.83 -24.40 -14.47
N LEU B 429 27.88 -23.95 -15.30
CA LEU B 429 27.83 -24.47 -16.67
C LEU B 429 28.96 -24.02 -17.58
N LEU B 430 29.46 -22.80 -17.44
CA LEU B 430 30.62 -22.44 -18.24
C LEU B 430 31.83 -23.26 -17.78
N CYS B 431 31.91 -23.52 -16.47
CA CYS B 431 32.90 -24.44 -15.93
C CYS B 431 32.78 -25.84 -16.54
N ALA B 432 31.59 -26.45 -16.37
CA ALA B 432 31.27 -27.76 -16.92
C ALA B 432 31.69 -27.89 -18.38
N ILE B 433 31.20 -26.99 -19.22
CA ILE B 433 31.50 -26.97 -20.65
C ILE B 433 32.98 -27.01 -20.94
N LEU B 434 33.73 -26.10 -20.33
CA LEU B 434 35.14 -25.92 -20.67
C LEU B 434 36.07 -27.01 -20.08
N GLN B 435 35.60 -27.68 -19.02
CA GLN B 435 36.34 -28.80 -18.42
C GLN B 435 36.46 -29.96 -19.41
N HIS B 436 35.42 -30.12 -20.22
CA HIS B 436 35.31 -31.29 -21.09
C HIS B 436 35.50 -31.03 -22.58
N PHE B 437 35.52 -29.75 -22.97
CA PHE B 437 35.45 -29.37 -24.37
C PHE B 437 36.34 -28.18 -24.76
N ASN B 438 36.96 -28.29 -25.94
CA ASN B 438 37.52 -27.13 -26.60
C ASN B 438 36.54 -26.56 -27.61
N LEU B 439 36.43 -25.23 -27.63
CA LEU B 439 35.56 -24.54 -28.57
C LEU B 439 36.25 -24.39 -29.93
N LYS B 440 35.52 -24.64 -30.99
CA LYS B 440 36.08 -24.61 -32.33
C LYS B 440 35.16 -23.77 -33.25
N PRO B 441 35.64 -22.57 -33.65
CA PRO B 441 34.91 -21.66 -34.53
C PRO B 441 34.99 -22.03 -36.00
N LEU B 442 33.89 -21.82 -36.74
CA LEU B 442 33.85 -22.08 -38.17
C LEU B 442 34.28 -20.87 -38.98
N VAL B 443 35.01 -19.97 -38.34
CA VAL B 443 35.67 -18.84 -38.99
C VAL B 443 36.85 -18.41 -38.15
N ASP B 444 37.83 -17.74 -38.78
CA ASP B 444 38.94 -17.08 -38.08
C ASP B 444 38.40 -16.26 -36.91
N PRO B 445 38.92 -16.49 -35.68
CA PRO B 445 38.75 -15.57 -34.55
C PRO B 445 38.81 -14.09 -34.93
N LYS B 446 39.58 -13.76 -35.96
CA LYS B 446 39.66 -12.39 -36.49
C LYS B 446 38.31 -11.93 -37.06
N ASP B 447 37.66 -12.80 -37.84
CA ASP B 447 36.41 -12.45 -38.54
C ASP B 447 35.14 -12.54 -37.67
N ILE B 448 35.30 -12.77 -36.37
CA ILE B 448 34.14 -12.88 -35.49
C ILE B 448 33.62 -11.50 -35.14
N ASP B 449 32.36 -11.22 -35.48
CA ASP B 449 31.78 -9.94 -35.12
C ASP B 449 30.93 -10.18 -33.89
N LEU B 450 31.37 -9.60 -32.77
CA LEU B 450 30.70 -9.72 -31.47
C LEU B 450 29.46 -8.80 -31.31
N SER B 451 29.33 -7.80 -32.17
CA SER B 451 28.25 -6.82 -32.03
C SER B 451 26.82 -7.46 -32.15
N PRO B 452 25.84 -6.98 -31.35
CA PRO B 452 24.49 -7.54 -31.40
C PRO B 452 23.78 -7.28 -32.73
N ILE B 453 22.96 -8.24 -33.17
CA ILE B 453 22.24 -8.06 -34.44
C ILE B 453 20.93 -7.32 -34.28
N HIS B 454 20.46 -7.23 -33.04
CA HIS B 454 19.32 -6.36 -32.67
C HIS B 454 19.48 -5.85 -31.25
N ILE B 455 19.02 -4.62 -31.06
CA ILE B 455 19.04 -3.94 -29.77
C ILE B 455 17.66 -3.32 -29.50
N GLY B 456 17.07 -3.72 -28.39
CA GLY B 456 15.89 -3.05 -27.84
C GLY B 456 15.68 -3.46 -26.38
N PHE B 457 14.70 -4.34 -26.20
CA PHE B 457 14.46 -5.06 -24.95
C PHE B 457 15.76 -5.77 -24.52
N GLY B 458 16.31 -6.59 -25.40
CA GLY B 458 17.65 -7.15 -25.18
C GLY B 458 18.65 -6.86 -26.30
N CYS B 459 19.89 -7.33 -26.11
CA CYS B 459 20.92 -7.33 -27.16
C CYS B 459 21.05 -8.75 -27.69
N ILE B 460 20.79 -8.91 -28.99
CA ILE B 460 20.69 -10.21 -29.63
C ILE B 460 22.00 -10.57 -30.33
N PRO B 461 22.66 -11.65 -29.90
CA PRO B 461 23.91 -12.04 -30.50
C PRO B 461 23.71 -12.45 -31.97
N PRO B 462 24.76 -12.32 -32.79
CA PRO B 462 24.59 -12.93 -34.11
C PRO B 462 24.41 -14.46 -34.03
N ARG B 463 23.66 -15.01 -34.98
CA ARG B 463 23.50 -16.44 -35.17
C ARG B 463 24.87 -17.00 -35.59
N TYR B 464 25.19 -18.19 -35.11
CA TYR B 464 26.44 -18.86 -35.46
C TYR B 464 26.34 -20.34 -35.15
N LYS B 465 27.25 -21.10 -35.74
CA LYS B 465 27.45 -22.51 -35.45
C LYS B 465 28.89 -22.75 -34.99
N LEU B 466 29.09 -23.73 -34.12
CA LEU B 466 30.44 -24.11 -33.67
C LEU B 466 30.61 -25.60 -33.57
N CYS B 467 31.86 -26.02 -33.37
CA CYS B 467 32.18 -27.37 -32.93
C CYS B 467 32.73 -27.32 -31.50
N VAL B 468 32.42 -28.38 -30.75
CA VAL B 468 33.01 -28.63 -29.44
C VAL B 468 33.79 -29.97 -29.52
N ILE B 469 35.04 -29.92 -29.10
CA ILE B 469 35.99 -31.00 -29.29
C ILE B 469 36.39 -31.58 -27.93
N PRO B 470 36.08 -32.86 -27.69
CA PRO B 470 36.32 -33.50 -26.41
C PRO B 470 37.75 -33.38 -25.87
N ARG B 471 37.86 -32.97 -24.61
CA ARG B 471 39.07 -33.13 -23.84
C ARG B 471 38.94 -34.44 -23.06
N SER B 472 37.70 -34.94 -23.04
CA SER B 472 37.29 -36.12 -22.26
C SER B 472 37.76 -36.09 -20.81
#